data_6X68
#
_entry.id   6X68
#
_cell.length_a   1.00
_cell.length_b   1.00
_cell.length_c   1.00
_cell.angle_alpha   90.00
_cell.angle_beta   90.00
_cell.angle_gamma   90.00
#
_symmetry.space_group_name_H-M   'P 1'
#
loop_
_entity.id
_entity.type
_entity.pdbx_description
1 polymer Transposase
2 polymer 'hairpin DNA'
3 non-polymer 'CALCIUM ION'
4 non-polymer 'ZINC ION'
#
loop_
_entity_poly.entity_id
_entity_poly.type
_entity_poly.pdbx_seq_one_letter_code
_entity_poly.pdbx_strand_id
1 'polypeptide(L)'
;MGSSLDDEHILSALLQSDDELVGEDSDSEISDHVSEDDVQSDTEEAFIDEVHEVQPTSSGSEILDEQNVIEQPGSSLASN
KILTLPQRTIRGKNKHCWSTSKSTRRSRVSALNIVRSQRGPTRMCRNIYDPLLCFKLFFTDEIISEIVKWTNAEISLKRR
ESMTGATFRDTNEDEIYAFFGILVMTAVRKDNHMSTDDLFDRSLSMVYVSVMSRDRFDFLIRCLRMDDKSIRPTLRENDV
FTPVRKIWDLFIHQCIQNYTPGAHLTIDEQLLGFRGRCPFRMYIPNKPSKYGIKILMMCDSGTKYMINGMPYLGRGTQTN
GVPLGEYYVKELSKPVRGSCRNITCDNWFTSIPLAKNLLQEPYKLTIVGTVRSNKREIPEVLKNSRSRPVGTSMFCFDGP
LTLVSYKPKPAKMVYLLSSCDEDASINESTGKPQMVMYYNQTKGGVDTLDQMCSVMTCSRKTNRWPMALLYGMINIACIN
SFIIYSHNVSSKGEKVQSRKKFMRNLYMSLTSSFMRKRLEAPTLKRYLRDNISNILPNEVPGTSDDSTEEPVTKKRTYCT
YCPSKIRRKANASCKKCKKVICREHNIDMCQSCF
;
C,D
2 'polydeoxyribonucleotide'
;(DC)(DA)(DT)(DG)(DC)(DG)(DT)(DC)(DA)(DA)(DT)(DT)(DT)(DT)(DA)(DC)(DG)(DC)(DA)(DG)
(DA)(DC)(DT)(DA)(DT)(DC)(DT)(DT)(DT)(DC)(DT)(DA)(DG)(DG)(DG)(DT)(DT)(DA)(DA)(DC)
(DC)(DC)(DT)(DA)(DG)(DA)(DA)(DA)(DG)(DA)(DT)(DA)(DG)(DT)(DC)(DT)(DG)(DC)(DG)(DT)
(DA)(DA)(DA)(DA)(DT)(DT)(DG)(DA)(DC)(DG)(DC)(DA)(DT)(DG)
;
A,B
#
loop_
_chem_comp.id
_chem_comp.type
_chem_comp.name
_chem_comp.formula
CA non-polymer 'CALCIUM ION' 'Ca 2'
DA DNA linking 2'-DEOXYADENOSINE-5'-MONOPHOSPHATE 'C10 H14 N5 O6 P'
DC DNA linking 2'-DEOXYCYTIDINE-5'-MONOPHOSPHATE 'C9 H14 N3 O7 P'
DG DNA linking 2'-DEOXYGUANOSINE-5'-MONOPHOSPHATE 'C10 H14 N5 O7 P'
DT DNA linking THYMIDINE-5'-MONOPHOSPHATE 'C10 H15 N2 O8 P'
ZN non-polymer 'ZINC ION' 'Zn 2'
#
# COMPACT_ATOMS: atom_id res chain seq x y z
N SER A 117 5.18 -20.17 38.32
CA SER A 117 4.75 -18.77 38.39
C SER A 117 3.68 -18.46 37.38
N GLN A 118 3.39 -19.47 36.55
CA GLN A 118 2.40 -19.39 35.49
C GLN A 118 2.85 -18.41 34.42
N ARG A 119 2.00 -18.23 33.42
CA ARG A 119 2.22 -17.26 32.36
C ARG A 119 0.94 -16.51 32.12
N GLY A 120 1.05 -15.22 31.89
CA GLY A 120 -0.12 -14.41 31.64
C GLY A 120 -0.01 -13.03 32.31
N PRO A 121 -1.06 -12.27 32.20
CA PRO A 121 -1.07 -10.93 32.75
C PRO A 121 -0.93 -11.01 34.25
N THR A 122 -0.42 -9.95 34.83
CA THR A 122 -0.23 -9.93 36.28
C THR A 122 -1.48 -9.51 37.00
N ARG A 123 -1.44 -9.62 38.31
CA ARG A 123 -2.60 -9.29 39.15
C ARG A 123 -3.15 -7.88 38.94
N MET A 124 -2.25 -6.93 38.79
CA MET A 124 -2.57 -5.52 38.64
C MET A 124 -3.42 -5.19 37.43
N CYS A 125 -3.39 -6.04 36.40
CA CYS A 125 -4.14 -5.79 35.19
C CYS A 125 -5.00 -7.00 34.83
N ARG A 126 -5.35 -7.80 35.79
CA ARG A 126 -6.06 -9.03 35.52
C ARG A 126 -7.55 -8.92 35.18
N ASN A 127 -8.32 -8.11 35.89
CA ASN A 127 -9.73 -8.06 35.56
C ASN A 127 -10.08 -6.97 34.57
N ILE A 128 -9.45 -7.02 33.42
CA ILE A 128 -9.72 -6.06 32.37
C ILE A 128 -10.33 -6.77 31.20
N TYR A 129 -11.57 -6.41 30.88
CA TYR A 129 -12.32 -7.10 29.85
C TYR A 129 -12.63 -6.24 28.63
N ASP A 130 -11.95 -5.11 28.48
CA ASP A 130 -12.17 -4.25 27.34
C ASP A 130 -10.89 -3.68 26.80
N PRO A 131 -10.96 -3.34 25.50
CA PRO A 131 -9.84 -2.68 24.80
C PRO A 131 -9.37 -1.30 25.20
N LEU A 132 -10.20 -0.50 25.79
CA LEU A 132 -9.68 0.82 26.08
C LEU A 132 -8.77 0.77 27.27
N LEU A 133 -9.15 0.02 28.29
CA LEU A 133 -8.30 -0.05 29.45
C LEU A 133 -7.07 -0.82 29.12
N CYS A 134 -7.16 -1.83 28.26
CA CYS A 134 -5.93 -2.56 27.93
C CYS A 134 -4.93 -1.64 27.24
N PHE A 135 -5.40 -0.73 26.38
CA PHE A 135 -4.51 0.21 25.71
C PHE A 135 -3.92 1.27 26.65
N LYS A 136 -4.79 1.85 27.51
CA LYS A 136 -4.32 2.87 28.44
C LYS A 136 -3.31 2.32 29.40
N LEU A 137 -3.42 1.05 29.67
CA LEU A 137 -2.52 0.33 30.54
C LEU A 137 -1.06 0.54 30.14
N PHE A 138 -0.80 0.54 28.82
CA PHE A 138 0.56 0.69 28.36
C PHE A 138 1.02 2.13 28.24
N PHE A 139 0.17 3.02 27.75
CA PHE A 139 0.65 4.39 27.59
C PHE A 139 0.61 5.20 28.87
N THR A 140 -0.52 5.12 29.62
CA THR A 140 -0.71 5.85 30.88
C THR A 140 -0.79 7.35 30.65
N ASP A 141 -1.23 8.02 31.69
CA ASP A 141 -1.45 9.44 31.67
C ASP A 141 -0.18 10.24 31.77
N GLU A 142 0.86 9.69 32.39
CA GLU A 142 2.10 10.45 32.47
C GLU A 142 2.64 10.72 31.06
N ILE A 143 2.47 9.76 30.12
CA ILE A 143 2.96 10.02 28.77
C ILE A 143 2.07 11.03 28.09
N ILE A 144 0.77 10.93 28.25
CA ILE A 144 -0.09 11.89 27.59
C ILE A 144 0.15 13.28 28.14
N SER A 145 0.31 13.44 29.44
CA SER A 145 0.53 14.77 29.98
C SER A 145 1.84 15.36 29.50
N GLU A 146 2.91 14.57 29.38
CA GLU A 146 4.15 15.16 28.91
C GLU A 146 4.02 15.59 27.46
N ILE A 147 3.33 14.80 26.64
CA ILE A 147 3.26 15.19 25.25
C ILE A 147 2.43 16.44 25.10
N VAL A 148 1.30 16.54 25.81
CA VAL A 148 0.51 17.75 25.64
C VAL A 148 1.26 18.98 26.11
N LYS A 149 1.90 18.90 27.24
CA LYS A 149 2.66 20.06 27.75
C LYS A 149 3.70 20.56 26.78
N TRP A 150 4.47 19.67 26.17
CA TRP A 150 5.52 20.18 25.29
C TRP A 150 5.03 20.49 23.92
N THR A 151 3.95 19.85 23.48
CA THR A 151 3.41 20.14 22.15
C THR A 151 2.97 21.57 22.07
N ASN A 152 2.37 22.06 23.17
CA ASN A 152 1.90 23.42 23.21
C ASN A 152 3.04 24.42 23.11
N ALA A 153 4.26 24.00 23.41
CA ALA A 153 5.35 24.92 23.32
C ALA A 153 5.56 25.33 21.87
N GLU A 154 5.33 24.43 20.93
CA GLU A 154 5.54 24.77 19.53
C GLU A 154 4.34 25.46 18.94
N ILE A 155 3.17 25.10 19.41
CA ILE A 155 1.99 25.73 18.84
C ILE A 155 2.07 27.23 19.14
N SER A 156 2.61 27.60 20.30
CA SER A 156 2.72 28.99 20.66
C SER A 156 3.83 29.74 19.93
N LEU A 157 4.76 29.02 19.30
CA LEU A 157 5.88 29.65 18.60
C LEU A 157 5.69 29.72 17.10
N LYS A 158 4.97 28.75 16.54
CA LYS A 158 4.75 28.70 15.11
C LYS A 158 3.49 29.44 14.70
N ARG A 159 2.77 29.92 15.70
CA ARG A 159 1.58 30.68 15.42
C ARG A 159 2.00 32.14 15.26
N ARG A 160 1.52 32.74 14.18
CA ARG A 160 1.79 34.13 13.87
C ARG A 160 0.53 34.92 14.12
N GLU A 161 0.63 36.24 14.20
CA GLU A 161 -0.54 37.06 14.47
C GLU A 161 -1.61 37.00 13.38
N SER A 162 -1.19 36.54 12.20
CA SER A 162 -2.08 36.43 11.04
C SER A 162 -2.76 35.05 11.00
N MET A 163 -2.35 34.15 11.90
CA MET A 163 -2.87 32.79 11.98
C MET A 163 -3.81 32.61 13.16
N THR A 164 -5.08 32.83 12.91
CA THR A 164 -6.06 32.74 13.97
C THR A 164 -7.15 31.78 13.58
N GLY A 165 -8.01 31.43 14.53
CA GLY A 165 -9.06 30.48 14.17
C GLY A 165 -8.84 29.14 14.85
N ALA A 166 -9.81 28.25 14.72
CA ALA A 166 -9.76 26.95 15.37
C ALA A 166 -8.59 26.08 14.97
N THR A 167 -8.16 26.20 13.72
CA THR A 167 -7.08 25.33 13.27
C THR A 167 -5.77 25.56 14.00
N PHE A 168 -5.64 26.71 14.69
CA PHE A 168 -4.35 26.97 15.36
C PHE A 168 -4.45 26.99 16.88
N ARG A 169 -5.44 26.32 17.44
CA ARG A 169 -5.62 26.24 18.90
C ARG A 169 -4.64 25.26 19.51
N ASP A 170 -4.46 25.35 20.83
CA ASP A 170 -3.50 24.50 21.53
C ASP A 170 -4.05 23.09 21.71
N THR A 171 -3.24 22.21 22.30
CA THR A 171 -3.60 20.82 22.48
C THR A 171 -4.17 20.52 23.86
N ASN A 172 -5.28 19.79 23.82
CA ASN A 172 -5.98 19.31 24.97
C ASN A 172 -5.72 17.81 25.10
N GLU A 173 -5.85 17.23 26.29
CA GLU A 173 -5.64 15.78 26.42
C GLU A 173 -6.66 14.98 25.60
N ASP A 174 -7.85 15.50 25.43
CA ASP A 174 -8.85 14.77 24.69
C ASP A 174 -8.57 14.77 23.20
N GLU A 175 -7.94 15.82 22.70
CA GLU A 175 -7.65 15.85 21.29
C GLU A 175 -6.47 14.94 21.00
N ILE A 176 -5.49 14.91 21.89
CA ILE A 176 -4.40 14.04 21.57
C ILE A 176 -4.89 12.60 21.60
N TYR A 177 -5.89 12.28 22.39
CA TYR A 177 -6.40 10.92 22.34
C TYR A 177 -7.07 10.68 20.98
N ALA A 178 -7.83 11.68 20.49
CA ALA A 178 -8.49 11.52 19.20
C ALA A 178 -7.47 11.31 18.08
N PHE A 179 -6.37 12.02 18.25
CA PHE A 179 -5.30 11.92 17.29
C PHE A 179 -4.73 10.49 17.22
N PHE A 180 -4.57 9.85 18.37
CA PHE A 180 -4.07 8.48 18.39
C PHE A 180 -5.12 7.60 17.75
N GLY A 181 -6.38 7.89 17.96
CA GLY A 181 -7.50 7.12 17.40
C GLY A 181 -7.41 7.07 15.86
N ILE A 182 -7.07 8.19 15.26
CA ILE A 182 -6.94 8.25 13.80
C ILE A 182 -5.80 7.39 13.35
N LEU A 183 -4.67 7.46 14.04
CA LEU A 183 -3.56 6.63 13.62
C LEU A 183 -3.92 5.14 13.74
N VAL A 184 -4.67 4.76 14.78
CA VAL A 184 -5.06 3.36 14.96
C VAL A 184 -5.99 2.89 13.85
N MET A 185 -6.94 3.69 13.46
CA MET A 185 -7.84 3.28 12.41
C MET A 185 -7.13 3.19 11.08
N THR A 186 -6.14 4.05 10.89
CA THR A 186 -5.36 4.05 9.68
C THR A 186 -4.60 2.71 9.59
N ALA A 187 -4.15 2.24 10.74
CA ALA A 187 -3.44 0.95 10.79
C ALA A 187 -4.34 -0.23 10.47
N VAL A 188 -5.63 -0.16 10.83
CA VAL A 188 -6.52 -1.30 10.55
C VAL A 188 -6.68 -1.49 9.08
N ARG A 189 -6.89 -0.38 8.42
CA ARG A 189 -6.96 -0.37 7.00
C ARG A 189 -5.54 -0.38 6.46
N LYS A 190 -5.37 -0.62 5.19
CA LYS A 190 -4.01 -0.67 4.66
C LYS A 190 -3.57 0.67 4.14
N ASP A 191 -4.48 1.65 4.20
CA ASP A 191 -4.19 2.92 3.61
C ASP A 191 -3.44 3.89 4.55
N ASN A 192 -2.17 3.56 4.79
CA ASN A 192 -1.36 4.43 5.64
C ASN A 192 -0.30 5.20 4.82
N HIS A 193 -0.37 5.13 3.50
CA HIS A 193 0.53 5.88 2.62
C HIS A 193 -0.28 6.66 1.59
N MET A 194 -1.40 7.10 2.07
CA MET A 194 -2.29 7.91 1.30
C MET A 194 -2.06 9.33 1.68
N SER A 195 -2.29 10.20 0.73
CA SER A 195 -2.09 11.58 1.03
C SER A 195 -3.22 12.05 1.93
N THR A 196 -2.94 13.08 2.72
CA THR A 196 -4.00 13.60 3.58
C THR A 196 -5.01 14.34 2.70
N ASP A 197 -4.59 14.55 1.44
CA ASP A 197 -5.42 15.17 0.43
C ASP A 197 -6.66 14.31 0.17
N ASP A 198 -6.52 12.95 0.22
CA ASP A 198 -7.71 12.14 -0.03
C ASP A 198 -8.17 11.19 1.09
N LEU A 199 -7.47 11.19 2.24
CA LEU A 199 -7.92 10.37 3.34
C LEU A 199 -9.11 11.09 3.91
N PHE A 200 -9.11 12.40 3.70
CA PHE A 200 -10.14 13.24 4.24
C PHE A 200 -11.12 13.67 3.17
N ASP A 201 -11.17 12.95 2.06
CA ASP A 201 -12.12 13.24 1.00
C ASP A 201 -13.44 12.55 1.32
N ARG A 202 -14.42 13.35 1.74
CA ARG A 202 -15.71 12.85 2.15
C ARG A 202 -16.46 12.06 1.09
N SER A 203 -16.09 12.19 -0.18
CA SER A 203 -16.79 11.44 -1.20
C SER A 203 -16.37 9.96 -1.21
N LEU A 204 -15.24 9.64 -0.55
CA LEU A 204 -14.77 8.26 -0.49
C LEU A 204 -15.00 7.64 0.88
N SER A 205 -14.78 8.41 1.95
CA SER A 205 -14.97 7.88 3.29
C SER A 205 -15.28 8.92 4.38
N MET A 206 -16.07 8.52 5.37
CA MET A 206 -16.44 9.44 6.45
C MET A 206 -15.65 9.15 7.72
N VAL A 207 -14.81 8.14 7.68
CA VAL A 207 -14.05 7.67 8.84
C VAL A 207 -13.16 8.71 9.51
N TYR A 208 -12.49 9.52 8.72
CA TYR A 208 -11.59 10.49 9.26
C TYR A 208 -12.09 11.89 9.38
N VAL A 209 -12.95 12.29 8.47
CA VAL A 209 -13.48 13.65 8.48
C VAL A 209 -14.37 13.89 9.67
N SER A 210 -14.95 12.83 10.19
CA SER A 210 -15.83 13.01 11.33
C SER A 210 -15.03 13.19 12.60
N VAL A 211 -13.74 12.88 12.59
CA VAL A 211 -12.99 13.06 13.83
C VAL A 211 -12.31 14.42 13.89
N MET A 212 -11.64 14.85 12.82
CA MET A 212 -10.97 16.17 12.83
C MET A 212 -11.21 16.96 11.55
N SER A 213 -10.12 17.33 10.88
CA SER A 213 -10.13 18.05 9.62
C SER A 213 -8.82 17.76 8.94
N ARG A 214 -8.73 18.02 7.66
CA ARG A 214 -7.49 17.73 6.97
C ARG A 214 -6.37 18.60 7.47
N ASP A 215 -6.67 19.87 7.64
CA ASP A 215 -5.65 20.85 8.03
C ASP A 215 -5.24 20.77 9.47
N ARG A 216 -6.13 20.48 10.37
CA ARG A 216 -5.67 20.42 11.74
C ARG A 216 -4.82 19.19 11.91
N PHE A 217 -5.13 18.11 11.20
CA PHE A 217 -4.31 16.94 11.33
C PHE A 217 -2.91 17.31 10.85
N ASP A 218 -2.79 17.98 9.71
CA ASP A 218 -1.43 18.35 9.20
C ASP A 218 -0.74 19.28 10.21
N PHE A 219 -1.46 20.23 10.82
CA PHE A 219 -0.80 21.13 11.77
C PHE A 219 -0.32 20.40 12.99
N LEU A 220 -1.17 19.54 13.57
CA LEU A 220 -0.73 18.84 14.76
C LEU A 220 0.39 17.86 14.47
N ILE A 221 0.32 17.18 13.34
CA ILE A 221 1.33 16.20 13.11
C ILE A 221 2.71 16.82 13.02
N ARG A 222 2.83 18.07 12.58
CA ARG A 222 4.18 18.64 12.53
C ARG A 222 4.56 19.36 13.84
N CYS A 223 3.66 19.44 14.82
CA CYS A 223 3.93 20.16 16.06
C CYS A 223 4.12 19.32 17.30
N LEU A 224 3.92 18.02 17.25
CA LEU A 224 4.12 17.26 18.49
C LEU A 224 5.55 17.31 18.98
N ARG A 225 5.71 17.51 20.28
CA ARG A 225 7.03 17.49 20.89
C ARG A 225 6.95 16.71 22.21
N MET A 226 8.05 16.00 22.48
CA MET A 226 8.11 15.15 23.66
C MET A 226 9.06 15.64 24.77
N ASP A 227 9.53 16.89 24.69
CA ASP A 227 10.51 17.36 25.68
C ASP A 227 10.53 18.87 25.91
N ASP A 228 11.34 19.30 26.88
CA ASP A 228 11.53 20.70 27.19
C ASP A 228 12.71 21.19 26.38
N LYS A 229 12.44 21.97 25.34
CA LYS A 229 13.48 22.42 24.45
C LYS A 229 14.48 23.37 25.08
N SER A 230 14.15 23.96 26.23
CA SER A 230 15.07 24.89 26.87
C SER A 230 16.12 24.17 27.72
N ILE A 231 15.88 22.92 28.03
CA ILE A 231 16.78 22.13 28.87
C ILE A 231 17.70 21.26 28.05
N ARG A 232 17.14 20.63 27.03
CA ARG A 232 17.91 19.67 26.21
C ARG A 232 19.23 20.11 25.66
N PRO A 233 19.50 21.42 25.33
CA PRO A 233 20.77 21.76 24.70
C PRO A 233 22.01 21.45 25.58
N THR A 234 21.80 21.22 26.87
CA THR A 234 22.93 20.87 27.75
C THR A 234 22.88 19.40 28.17
N LEU A 235 21.86 18.66 27.71
CA LEU A 235 21.71 17.25 28.07
C LEU A 235 22.21 16.36 26.94
N ARG A 236 21.99 16.89 25.72
CA ARG A 236 22.22 16.25 24.44
C ARG A 236 23.66 15.80 24.16
N GLU A 237 24.62 16.35 24.89
CA GLU A 237 26.00 15.96 24.68
C GLU A 237 26.15 14.48 24.97
N ASN A 238 25.46 14.01 26.00
CA ASN A 238 25.50 12.59 26.32
C ASN A 238 24.23 11.89 25.87
N ASP A 239 23.10 12.52 26.17
CA ASP A 239 21.83 11.91 25.83
C ASP A 239 21.44 12.19 24.39
N VAL A 240 22.08 11.47 23.49
CA VAL A 240 21.86 11.62 22.04
C VAL A 240 20.41 11.43 21.61
N PHE A 241 19.69 10.65 22.39
CA PHE A 241 18.31 10.24 22.18
C PHE A 241 17.33 11.07 23.02
N THR A 242 17.82 12.16 23.64
CA THR A 242 17.04 13.03 24.54
C THR A 242 15.56 13.23 24.19
N PRO A 243 15.22 13.65 22.98
CA PRO A 243 13.87 14.12 22.70
C PRO A 243 12.78 13.05 22.87
N VAL A 244 13.15 11.78 23.07
CA VAL A 244 12.12 10.79 23.25
C VAL A 244 12.33 10.01 24.56
N ARG A 245 13.32 10.38 25.37
CA ARG A 245 13.63 9.55 26.55
C ARG A 245 12.56 9.53 27.63
N LYS A 246 11.85 10.59 27.83
CA LYS A 246 10.87 10.57 28.90
C LYS A 246 9.56 9.96 28.50
N ILE A 247 9.46 9.55 27.24
CA ILE A 247 8.29 8.88 26.79
C ILE A 247 8.65 7.39 26.72
N TRP A 248 9.81 7.12 26.11
CA TRP A 248 10.32 5.77 25.94
C TRP A 248 10.53 5.02 27.23
N ASP A 249 11.24 5.60 28.20
CA ASP A 249 11.48 4.89 29.43
C ASP A 249 10.21 4.49 30.17
N LEU A 250 9.20 5.35 30.16
CA LEU A 250 7.97 5.05 30.87
C LEU A 250 7.24 3.91 30.19
N PHE A 251 7.23 3.91 28.87
CA PHE A 251 6.59 2.87 28.10
C PHE A 251 7.19 1.50 28.38
N ILE A 252 8.53 1.41 28.37
CA ILE A 252 9.15 0.13 28.63
C ILE A 252 8.86 -0.32 30.05
N HIS A 253 8.89 0.59 30.99
CA HIS A 253 8.61 0.23 32.37
C HIS A 253 7.24 -0.41 32.48
N GLN A 254 6.24 0.19 31.86
CA GLN A 254 4.89 -0.32 31.92
C GLN A 254 4.79 -1.67 31.25
N CYS A 255 5.52 -1.90 30.19
CA CYS A 255 5.44 -3.20 29.54
C CYS A 255 5.89 -4.31 30.48
N ILE A 256 6.99 -4.08 31.17
CA ILE A 256 7.58 -5.06 32.07
C ILE A 256 6.70 -5.45 33.23
N GLN A 257 6.02 -4.50 33.82
CA GLN A 257 5.23 -4.77 35.01
C GLN A 257 3.85 -5.39 34.75
N ASN A 258 3.42 -5.50 33.49
CA ASN A 258 2.07 -5.99 33.25
C ASN A 258 1.92 -7.42 32.76
N TYR A 259 3.02 -8.12 32.51
CA TYR A 259 2.91 -9.49 31.97
C TYR A 259 3.94 -10.43 32.49
N THR A 260 3.56 -11.66 32.73
CA THR A 260 4.54 -12.63 33.21
C THR A 260 4.96 -13.57 32.06
N PRO A 261 6.28 -13.58 31.74
CA PRO A 261 6.90 -14.43 30.68
C PRO A 261 6.81 -15.91 31.03
N GLY A 262 7.07 -16.75 30.02
CA GLY A 262 7.05 -18.18 30.14
C GLY A 262 8.48 -18.68 30.12
N ALA A 263 8.65 -19.95 29.80
CA ALA A 263 9.96 -20.58 29.79
C ALA A 263 10.80 -20.27 28.56
N HIS A 264 10.16 -19.77 27.51
CA HIS A 264 10.88 -19.56 26.24
C HIS A 264 10.95 -18.11 25.76
N LEU A 265 12.15 -17.55 25.72
CA LEU A 265 12.31 -16.17 25.28
C LEU A 265 13.11 -16.06 24.00
N THR A 266 12.82 -15.04 23.18
CA THR A 266 13.57 -14.84 21.96
C THR A 266 14.04 -13.39 21.83
N ILE A 267 15.33 -13.22 21.52
CA ILE A 267 15.90 -11.87 21.33
C ILE A 267 16.34 -11.61 19.89
N ASP A 268 15.90 -10.48 19.33
CA ASP A 268 16.24 -10.12 17.96
C ASP A 268 16.10 -8.60 17.68
N GLU A 269 16.37 -8.18 16.43
CA GLU A 269 16.38 -6.77 16.03
C GLU A 269 15.27 -6.37 15.03
N GLN A 270 14.91 -5.08 15.07
CA GLN A 270 13.87 -4.46 14.22
C GLN A 270 14.30 -3.11 13.62
N LEU A 271 13.88 -2.78 12.39
CA LEU A 271 14.23 -1.48 11.80
C LEU A 271 12.95 -0.67 11.63
N LEU A 272 13.02 0.66 11.83
CA LEU A 272 11.83 1.50 11.66
C LEU A 272 11.72 2.08 10.25
N GLY A 273 12.82 2.10 9.51
CA GLY A 273 12.84 2.54 8.11
C GLY A 273 13.02 4.03 7.78
N PHE A 274 13.12 4.91 8.76
CA PHE A 274 13.23 6.35 8.44
C PHE A 274 14.52 6.79 7.77
N ARG A 275 14.42 7.61 6.73
CA ARG A 275 15.58 8.16 6.06
C ARG A 275 15.64 9.64 6.34
N GLY A 276 16.82 10.16 6.55
CA GLY A 276 16.94 11.58 6.82
C GLY A 276 18.07 11.82 7.78
N ARG A 277 18.22 13.04 8.25
CA ARG A 277 19.33 13.29 9.14
C ARG A 277 18.94 13.12 10.60
N CYS A 278 19.60 12.16 11.25
CA CYS A 278 19.42 11.82 12.66
C CYS A 278 20.38 10.63 13.00
N PRO A 279 21.40 10.88 13.87
CA PRO A 279 22.43 9.89 14.25
C PRO A 279 21.94 8.68 14.99
N PHE A 280 20.87 8.11 14.53
CA PHE A 280 20.41 6.86 15.15
C PHE A 280 20.30 5.85 14.08
N ARG A 281 20.19 6.38 12.88
CA ARG A 281 20.02 5.51 11.76
C ARG A 281 21.31 4.90 11.28
N MET A 282 21.18 3.73 10.71
CA MET A 282 22.32 3.05 10.15
C MET A 282 21.92 2.32 8.90
N TYR A 283 22.85 2.16 7.99
CA TYR A 283 22.54 1.50 6.74
C TYR A 283 22.86 0.03 6.83
N ILE A 284 21.87 -0.77 6.43
CA ILE A 284 21.96 -2.22 6.45
C ILE A 284 21.52 -2.82 5.13
N PRO A 285 22.48 -3.25 4.35
CA PRO A 285 22.20 -3.85 3.07
C PRO A 285 21.39 -5.16 3.20
N ASN A 286 20.69 -5.54 2.12
CA ASN A 286 19.88 -6.77 2.08
C ASN A 286 18.69 -6.73 3.01
N LYS A 287 18.11 -5.55 3.16
CA LYS A 287 16.92 -5.37 4.00
C LYS A 287 15.99 -4.34 3.38
N PRO A 288 14.68 -4.53 3.49
CA PRO A 288 13.71 -3.53 3.08
C PRO A 288 13.94 -2.36 3.98
N SER A 289 13.49 -1.18 3.62
CA SER A 289 13.67 -0.04 4.53
C SER A 289 15.05 -0.08 5.21
N LYS A 290 16.07 -0.23 4.35
CA LYS A 290 17.48 -0.41 4.70
C LYS A 290 18.21 0.71 5.40
N TYR A 291 17.63 1.89 5.47
CA TYR A 291 18.33 3.00 6.08
C TYR A 291 17.79 3.49 7.41
N GLY A 292 16.86 2.78 8.06
CA GLY A 292 16.25 3.30 9.30
C GLY A 292 16.98 3.07 10.63
N ILE A 293 16.24 3.41 11.70
CA ILE A 293 16.64 3.29 13.10
C ILE A 293 16.48 1.87 13.57
N LYS A 294 17.51 1.39 14.22
CA LYS A 294 17.56 0.01 14.73
C LYS A 294 17.19 -0.07 16.20
N ILE A 295 16.23 -0.98 16.49
CA ILE A 295 15.76 -1.24 17.88
C ILE A 295 15.92 -2.70 18.27
N LEU A 296 16.42 -2.94 19.46
CA LEU A 296 16.56 -4.31 19.91
C LEU A 296 15.47 -4.69 20.89
N MET A 297 15.01 -5.93 20.84
CA MET A 297 13.95 -6.31 21.76
C MET A 297 13.90 -7.79 22.11
N MET A 298 13.27 -8.06 23.24
CA MET A 298 13.06 -9.40 23.75
C MET A 298 11.57 -9.68 23.87
N CYS A 299 11.14 -10.84 23.38
CA CYS A 299 9.74 -11.28 23.37
C CYS A 299 9.48 -12.66 23.95
N ASP A 300 8.27 -12.82 24.51
CA ASP A 300 7.84 -14.10 25.07
C ASP A 300 7.26 -14.92 23.94
N SER A 301 7.97 -16.00 23.62
CA SER A 301 7.57 -16.86 22.53
C SER A 301 6.25 -17.55 22.77
N GLY A 302 5.42 -17.56 21.73
CA GLY A 302 4.14 -18.21 21.80
C GLY A 302 3.00 -17.19 21.93
N THR A 303 3.27 -16.04 22.49
CA THR A 303 2.22 -15.04 22.60
C THR A 303 2.72 -13.83 21.83
N LYS A 304 4.04 -13.83 21.63
CA LYS A 304 4.77 -12.76 20.95
C LYS A 304 4.59 -11.43 21.66
N TYR A 305 4.72 -11.48 22.97
CA TYR A 305 4.59 -10.30 23.82
C TYR A 305 5.93 -9.61 24.00
N MET A 306 5.99 -8.29 23.87
CA MET A 306 7.29 -7.63 24.08
C MET A 306 7.55 -7.35 25.55
N ILE A 307 8.70 -7.81 26.03
CA ILE A 307 9.06 -7.67 27.43
C ILE A 307 9.94 -6.48 27.63
N ASN A 308 10.91 -6.30 26.77
CA ASN A 308 11.89 -5.27 26.94
C ASN A 308 12.42 -4.82 25.59
N GLY A 309 13.29 -3.81 25.62
CA GLY A 309 13.91 -3.31 24.42
C GLY A 309 14.64 -1.99 24.64
N MET A 310 15.40 -1.62 23.63
CA MET A 310 16.15 -0.38 23.64
C MET A 310 16.77 -0.08 22.26
N PRO A 311 16.88 1.20 21.90
CA PRO A 311 17.53 1.68 20.68
C PRO A 311 18.98 1.40 20.57
N TYR A 312 19.49 1.40 19.36
CA TYR A 312 20.91 1.31 19.17
C TYR A 312 21.33 2.71 18.77
N LEU A 313 22.21 3.35 19.53
CA LEU A 313 22.53 4.74 19.25
C LEU A 313 23.80 4.97 18.45
N GLY A 314 24.46 3.91 18.03
CA GLY A 314 25.69 4.03 17.22
C GLY A 314 26.94 4.26 18.06
N ARG A 315 26.95 5.39 18.75
CA ARG A 315 28.05 5.78 19.62
C ARG A 315 27.51 6.30 20.93
N GLY A 316 28.29 6.15 21.99
CA GLY A 316 27.89 6.65 23.30
C GLY A 316 27.11 5.62 24.09
N THR A 317 27.10 4.38 23.61
CA THR A 317 26.37 3.30 24.25
C THR A 317 27.18 2.68 25.40
N GLN A 318 28.46 2.97 25.41
CA GLN A 318 29.44 2.56 26.44
C GLN A 318 29.53 1.08 26.75
N THR A 319 29.61 0.27 25.71
CA THR A 319 29.84 -1.14 25.91
C THR A 319 31.34 -1.19 26.04
N ASN A 320 31.88 -1.83 27.08
CA ASN A 320 33.33 -1.81 27.29
C ASN A 320 33.98 -3.18 27.43
N GLY A 321 34.69 -3.63 26.39
CA GLY A 321 35.39 -4.89 26.41
C GLY A 321 34.44 -6.06 26.18
N VAL A 322 33.24 -5.67 25.72
CA VAL A 322 32.14 -6.60 25.46
C VAL A 322 31.50 -6.33 24.08
N PRO A 323 31.35 -7.35 23.24
CA PRO A 323 30.71 -7.17 21.96
C PRO A 323 29.23 -6.77 22.23
N LEU A 324 28.62 -6.05 21.32
CA LEU A 324 27.22 -5.66 21.54
C LEU A 324 26.25 -6.81 21.75
N GLY A 325 26.44 -7.92 21.06
CA GLY A 325 25.54 -9.04 21.23
C GLY A 325 25.45 -9.47 22.69
N GLU A 326 26.60 -9.73 23.30
CA GLU A 326 26.62 -10.15 24.70
C GLU A 326 26.09 -9.08 25.62
N TYR A 327 26.47 -7.85 25.35
CA TYR A 327 26.04 -6.74 26.15
C TYR A 327 24.52 -6.58 26.20
N TYR A 328 23.88 -6.62 25.04
CA TYR A 328 22.45 -6.44 25.01
C TYR A 328 21.71 -7.62 25.55
N VAL A 329 22.21 -8.85 25.39
CA VAL A 329 21.46 -9.95 25.96
C VAL A 329 21.42 -9.76 27.46
N LYS A 330 22.56 -9.41 28.05
CA LYS A 330 22.58 -9.26 29.48
C LYS A 330 21.68 -8.14 29.96
N GLU A 331 21.67 -6.99 29.28
CA GLU A 331 20.82 -5.91 29.77
C GLU A 331 19.34 -6.18 29.59
N LEU A 332 18.99 -6.78 28.46
CA LEU A 332 17.59 -7.05 28.18
C LEU A 332 17.02 -8.13 29.08
N SER A 333 17.88 -9.04 29.56
CA SER A 333 17.47 -10.12 30.45
C SER A 333 17.08 -9.65 31.84
N LYS A 334 17.44 -8.44 32.25
CA LYS A 334 17.21 -8.06 33.64
C LYS A 334 15.85 -8.37 34.22
N PRO A 335 14.73 -7.95 33.58
CA PRO A 335 13.38 -8.16 34.18
C PRO A 335 13.00 -9.64 34.38
N VAL A 336 13.77 -10.58 33.78
CA VAL A 336 13.43 -12.01 33.93
C VAL A 336 14.45 -12.79 34.73
N ARG A 337 15.37 -12.12 35.40
CA ARG A 337 16.37 -12.89 36.15
C ARG A 337 15.84 -13.36 37.49
N GLY A 338 14.93 -14.32 37.42
CA GLY A 338 14.30 -14.94 38.58
C GLY A 338 14.48 -16.46 38.46
N SER A 339 13.42 -17.16 38.07
CA SER A 339 13.54 -18.59 37.84
C SER A 339 14.29 -18.74 36.54
N CYS A 340 14.74 -19.94 36.23
CA CYS A 340 15.49 -20.11 35.01
C CYS A 340 14.59 -20.23 33.79
N ARG A 341 15.08 -19.60 32.71
CA ARG A 341 14.44 -19.61 31.41
C ARG A 341 15.47 -19.86 30.31
N ASN A 342 14.99 -20.30 29.17
CA ASN A 342 15.86 -20.50 28.02
C ASN A 342 15.68 -19.38 27.02
N ILE A 343 16.77 -18.69 26.68
CA ILE A 343 16.65 -17.61 25.71
C ILE A 343 17.31 -18.05 24.40
N THR A 344 16.64 -17.80 23.28
CA THR A 344 17.24 -18.19 21.99
C THR A 344 17.45 -17.03 21.05
N CYS A 345 18.46 -17.22 20.21
CA CYS A 345 18.85 -16.20 19.26
C CYS A 345 19.69 -16.66 18.06
N ASP A 346 19.83 -15.73 17.11
CA ASP A 346 20.63 -15.91 15.92
C ASP A 346 22.09 -15.52 16.23
N ASN A 347 22.93 -15.57 15.22
CA ASN A 347 24.36 -15.30 15.30
C ASN A 347 24.82 -14.01 15.95
N TRP A 348 24.04 -12.94 15.83
CA TRP A 348 24.49 -11.66 16.36
C TRP A 348 24.69 -11.73 17.88
N PHE A 349 23.93 -12.61 18.50
CA PHE A 349 23.92 -12.72 19.97
C PHE A 349 24.41 -14.04 20.57
N THR A 350 25.26 -14.82 19.89
CA THR A 350 25.59 -16.16 20.45
C THR A 350 27.06 -16.46 20.87
N SER A 351 27.85 -15.47 21.22
CA SER A 351 29.23 -15.75 21.62
C SER A 351 29.27 -16.79 22.75
N ILE A 352 30.25 -17.70 22.71
CA ILE A 352 30.34 -18.77 23.71
C ILE A 352 30.44 -18.19 25.11
N PRO A 353 31.29 -17.22 25.39
CA PRO A 353 31.33 -16.75 26.75
C PRO A 353 29.97 -16.19 27.27
N LEU A 354 29.03 -15.82 26.36
CA LEU A 354 27.69 -15.40 26.80
C LEU A 354 26.99 -16.61 27.39
N ALA A 355 27.12 -17.69 26.67
CA ALA A 355 26.52 -18.93 27.09
C ALA A 355 27.02 -19.38 28.45
N LYS A 356 28.30 -19.14 28.71
CA LYS A 356 28.82 -19.53 30.00
C LYS A 356 28.56 -18.46 31.08
N ASN A 357 28.54 -17.18 30.70
CA ASN A 357 28.34 -16.12 31.68
C ASN A 357 26.91 -16.10 32.22
N LEU A 358 25.96 -16.55 31.41
CA LEU A 358 24.56 -16.56 31.83
C LEU A 358 24.27 -17.66 32.85
N LEU A 359 25.25 -18.54 33.09
CA LEU A 359 25.10 -19.61 34.05
C LEU A 359 25.77 -19.30 35.39
N GLN A 360 26.27 -18.07 35.55
CA GLN A 360 26.91 -17.68 36.80
C GLN A 360 25.81 -17.21 37.73
N GLU A 361 26.06 -17.23 39.04
CA GLU A 361 25.00 -16.94 40.04
C GLU A 361 24.06 -15.74 39.76
N PRO A 362 24.57 -14.57 39.41
CA PRO A 362 23.72 -13.38 39.18
C PRO A 362 22.79 -13.51 37.94
N TYR A 363 22.96 -14.58 37.15
CA TYR A 363 22.20 -14.82 35.94
C TYR A 363 21.36 -16.09 36.03
N LYS A 364 20.24 -16.08 35.33
CA LYS A 364 19.31 -17.21 35.36
C LYS A 364 18.97 -17.77 33.97
N LEU A 365 19.83 -17.64 32.98
CA LEU A 365 19.40 -18.10 31.68
C LEU A 365 20.31 -19.15 31.01
N THR A 366 19.66 -20.02 30.26
CA THR A 366 20.37 -20.97 29.42
C THR A 366 20.24 -20.40 28.03
N ILE A 367 21.05 -20.85 27.09
CA ILE A 367 20.95 -20.30 25.78
C ILE A 367 20.97 -21.34 24.68
N VAL A 368 20.14 -21.11 23.66
CA VAL A 368 20.13 -21.96 22.48
C VAL A 368 20.20 -21.09 21.24
N GLY A 369 21.08 -21.37 20.32
CA GLY A 369 21.11 -20.50 19.17
C GLY A 369 22.06 -20.95 18.08
N THR A 370 22.17 -20.12 17.05
CA THR A 370 23.04 -20.45 15.95
C THR A 370 24.43 -20.00 16.24
N VAL A 371 25.39 -20.53 15.53
CA VAL A 371 26.76 -20.13 15.71
C VAL A 371 27.32 -19.56 14.42
N ARG A 372 27.90 -18.39 14.54
CA ARG A 372 28.52 -17.78 13.37
C ARG A 372 29.71 -18.61 12.95
N SER A 373 29.96 -18.71 11.66
CA SER A 373 31.10 -19.48 11.20
C SER A 373 32.41 -18.78 11.53
N ASN A 374 33.48 -19.59 11.48
CA ASN A 374 34.87 -19.17 11.73
C ASN A 374 35.15 -18.64 13.15
N LYS A 375 34.51 -19.22 14.14
CA LYS A 375 34.75 -18.82 15.52
C LYS A 375 35.84 -19.74 16.08
N ARG A 376 36.69 -19.20 16.94
CA ARG A 376 37.79 -19.96 17.55
C ARG A 376 37.33 -21.05 18.52
N GLU A 377 36.15 -20.91 19.09
CA GLU A 377 35.64 -21.87 20.06
C GLU A 377 35.10 -23.15 19.43
N ILE A 378 34.83 -23.12 18.14
CA ILE A 378 34.30 -24.29 17.50
C ILE A 378 35.45 -25.17 16.90
N PRO A 379 35.48 -26.49 17.24
CA PRO A 379 36.42 -27.49 16.74
C PRO A 379 36.37 -27.74 15.25
N GLU A 380 37.47 -28.25 14.71
CA GLU A 380 37.65 -28.61 13.32
C GLU A 380 36.83 -29.87 13.03
N VAL A 381 36.47 -30.54 14.10
CA VAL A 381 35.68 -31.75 14.07
C VAL A 381 34.30 -31.47 13.51
N LEU A 382 33.72 -30.33 13.88
CA LEU A 382 32.40 -30.00 13.41
C LEU A 382 32.46 -29.26 12.07
N LYS A 383 33.56 -28.50 11.88
CA LYS A 383 33.75 -27.74 10.67
C LYS A 383 34.01 -28.66 9.49
N ASN A 384 34.51 -29.81 9.85
CA ASN A 384 34.97 -30.61 8.81
C ASN A 384 34.44 -31.93 8.44
N SER A 385 34.87 -31.82 7.16
CA SER A 385 35.03 -32.70 6.00
C SER A 385 33.96 -32.88 4.96
N ARG A 386 34.49 -32.95 3.72
CA ARG A 386 33.75 -33.15 2.50
C ARG A 386 33.14 -34.55 2.44
N SER A 387 33.66 -35.47 3.25
CA SER A 387 33.19 -36.85 3.24
C SER A 387 31.95 -37.11 4.11
N ARG A 388 31.55 -36.15 4.94
CA ARG A 388 30.34 -36.37 5.77
C ARG A 388 29.09 -36.61 4.96
N PRO A 389 28.39 -37.75 5.15
CA PRO A 389 27.17 -37.99 4.37
C PRO A 389 26.08 -36.96 4.71
N VAL A 390 25.31 -36.68 3.69
CA VAL A 390 24.22 -35.73 3.78
C VAL A 390 23.06 -36.22 4.62
N GLY A 391 22.60 -35.37 5.53
CA GLY A 391 21.51 -35.66 6.42
C GLY A 391 22.02 -36.03 7.82
N THR A 392 23.32 -36.24 7.95
CA THR A 392 23.88 -36.61 9.24
C THR A 392 24.23 -35.42 10.09
N SER A 393 24.55 -35.69 11.34
CA SER A 393 24.91 -34.71 12.34
C SER A 393 25.98 -35.26 13.26
N MET A 394 26.72 -34.35 13.88
CA MET A 394 27.78 -34.73 14.82
C MET A 394 27.80 -33.83 16.03
N PHE A 395 28.11 -34.42 17.19
CA PHE A 395 28.14 -33.60 18.40
C PHE A 395 29.50 -33.58 19.09
N CYS A 396 29.78 -32.43 19.72
CA CYS A 396 30.98 -32.22 20.52
C CYS A 396 30.53 -31.63 21.85
N PHE A 397 31.25 -31.92 22.94
CA PHE A 397 30.84 -31.40 24.23
C PHE A 397 31.93 -30.65 24.98
N ASP A 398 31.50 -29.67 25.77
CA ASP A 398 32.40 -28.85 26.61
C ASP A 398 31.72 -28.51 27.94
N GLY A 399 31.99 -29.31 28.96
CA GLY A 399 31.33 -29.09 30.20
C GLY A 399 29.82 -29.10 29.98
N PRO A 400 29.12 -28.05 30.41
CA PRO A 400 27.67 -27.86 30.30
C PRO A 400 27.14 -27.67 28.87
N LEU A 401 28.01 -27.38 27.91
CA LEU A 401 27.56 -27.05 26.55
C LEU A 401 27.71 -28.16 25.51
N THR A 402 26.75 -28.14 24.59
CA THR A 402 26.70 -29.08 23.47
C THR A 402 26.77 -28.31 22.16
N LEU A 403 27.65 -28.77 21.27
CA LEU A 403 27.77 -28.16 19.95
C LEU A 403 27.38 -29.16 18.88
N VAL A 404 26.55 -28.74 17.93
CA VAL A 404 26.16 -29.68 16.88
C VAL A 404 26.40 -29.15 15.48
N SER A 405 26.89 -30.04 14.64
CA SER A 405 27.09 -29.74 13.23
C SER A 405 26.13 -30.56 12.41
N TYR A 406 25.23 -29.89 11.73
CA TYR A 406 24.20 -30.57 10.93
C TYR A 406 24.36 -30.29 9.45
N LYS A 407 24.32 -31.34 8.63
CA LYS A 407 24.51 -31.20 7.17
C LYS A 407 23.30 -31.57 6.30
N PRO A 408 22.39 -30.59 6.04
CA PRO A 408 21.16 -30.76 5.24
C PRO A 408 21.41 -31.09 3.77
N LYS A 409 20.33 -31.31 3.04
CA LYS A 409 20.38 -31.67 1.61
C LYS A 409 21.41 -30.90 0.74
N PRO A 410 21.45 -29.58 0.83
CA PRO A 410 22.37 -28.78 -0.02
C PRO A 410 23.85 -29.08 0.25
N ALA A 411 24.13 -29.89 1.29
CA ALA A 411 25.46 -30.36 1.68
C ALA A 411 26.44 -29.30 2.18
N LYS A 412 25.92 -28.32 2.87
CA LYS A 412 26.68 -27.25 3.49
C LYS A 412 26.27 -27.32 4.96
N MET A 413 27.16 -27.04 5.91
CA MET A 413 26.78 -27.18 7.31
C MET A 413 26.31 -25.95 8.08
N VAL A 414 25.45 -26.24 9.08
CA VAL A 414 24.92 -25.24 10.01
C VAL A 414 25.36 -25.64 11.40
N TYR A 415 25.84 -24.66 12.14
CA TYR A 415 26.33 -24.89 13.51
C TYR A 415 25.42 -24.30 14.53
N LEU A 416 24.99 -25.13 15.48
CA LEU A 416 24.16 -24.69 16.60
C LEU A 416 24.84 -24.95 17.95
N LEU A 417 24.46 -24.12 18.95
CA LEU A 417 24.98 -24.22 20.31
C LEU A 417 23.86 -24.30 21.34
N SER A 418 24.09 -25.07 22.41
CA SER A 418 23.10 -25.18 23.47
C SER A 418 23.77 -25.39 24.82
N SER A 419 23.34 -24.62 25.82
CA SER A 419 23.85 -24.74 27.15
C SER A 419 22.84 -25.47 28.03
N CYS A 420 21.82 -25.98 27.39
CA CYS A 420 20.75 -26.73 28.03
C CYS A 420 21.18 -28.19 28.21
N ASP A 421 20.41 -28.93 29.01
CA ASP A 421 20.70 -30.34 29.31
C ASP A 421 19.86 -31.31 28.45
N GLU A 422 19.29 -30.77 27.39
CA GLU A 422 18.44 -31.49 26.44
C GLU A 422 19.21 -32.59 25.71
N ASP A 423 18.53 -33.72 25.52
CA ASP A 423 19.06 -34.90 24.85
C ASP A 423 19.47 -34.64 23.39
N ALA A 424 20.56 -35.29 22.98
CA ALA A 424 21.19 -35.15 21.66
C ALA A 424 20.55 -35.99 20.54
N SER A 425 19.50 -36.75 20.83
CA SER A 425 18.88 -37.60 19.80
C SER A 425 18.12 -36.88 18.72
N ILE A 426 17.82 -37.69 17.66
CA ILE A 426 17.16 -37.26 16.47
C ILE A 426 15.65 -37.45 16.48
N ASN A 427 14.96 -36.47 15.91
CA ASN A 427 13.52 -36.51 15.79
C ASN A 427 13.19 -37.27 14.52
N GLU A 428 12.79 -38.53 14.67
CA GLU A 428 12.55 -39.40 13.54
C GLU A 428 11.23 -39.24 12.82
N SER A 429 11.06 -38.05 12.27
CA SER A 429 9.95 -37.70 11.43
C SER A 429 10.57 -36.85 10.34
N THR A 430 11.71 -36.25 10.70
CA THR A 430 12.45 -35.38 9.77
C THR A 430 13.89 -35.82 9.58
N GLY A 431 14.46 -36.43 10.61
CA GLY A 431 15.84 -36.90 10.60
C GLY A 431 16.74 -35.82 11.20
N LYS A 432 16.15 -34.71 11.54
CA LYS A 432 16.88 -33.61 12.15
C LYS A 432 17.00 -33.85 13.66
N PRO A 433 18.13 -33.48 14.25
CA PRO A 433 18.34 -33.61 15.67
C PRO A 433 17.29 -32.75 16.38
N GLN A 434 16.84 -33.20 17.56
CA GLN A 434 15.82 -32.44 18.29
C GLN A 434 16.20 -30.99 18.58
N MET A 435 17.49 -30.75 18.77
CA MET A 435 18.04 -29.43 19.02
C MET A 435 17.76 -28.47 17.85
N VAL A 436 17.79 -28.99 16.61
CA VAL A 436 17.50 -28.20 15.42
C VAL A 436 16.02 -27.88 15.40
N MET A 437 15.23 -28.89 15.72
CA MET A 437 13.79 -28.71 15.70
C MET A 437 13.41 -27.63 16.71
N TYR A 438 14.04 -27.65 17.88
CA TYR A 438 13.73 -26.66 18.91
C TYR A 438 14.01 -25.24 18.42
N TYR A 439 15.17 -25.05 17.78
CA TYR A 439 15.52 -23.71 17.29
C TYR A 439 14.52 -23.23 16.25
N ASN A 440 14.23 -24.07 15.27
CA ASN A 440 13.29 -23.65 14.22
C ASN A 440 11.92 -23.28 14.75
N GLN A 441 11.53 -23.89 15.85
CA GLN A 441 10.23 -23.65 16.42
C GLN A 441 10.20 -22.48 17.40
N THR A 442 11.34 -21.94 17.77
CA THR A 442 11.37 -20.87 18.78
C THR A 442 11.88 -19.51 18.26
N LYS A 443 12.67 -19.52 17.18
CA LYS A 443 13.32 -18.34 16.63
C LYS A 443 12.38 -17.24 16.12
N GLY A 444 11.11 -17.59 15.83
CA GLY A 444 10.15 -16.64 15.29
C GLY A 444 9.53 -15.71 16.33
N GLY A 445 9.96 -15.82 17.58
CA GLY A 445 9.43 -15.04 18.70
C GLY A 445 9.43 -13.52 18.46
N VAL A 446 10.40 -12.99 17.72
CA VAL A 446 10.43 -11.56 17.47
C VAL A 446 9.92 -11.23 16.04
N ASP A 447 10.32 -12.04 15.11
CA ASP A 447 9.99 -11.86 13.70
C ASP A 447 8.50 -11.73 13.44
N THR A 448 7.70 -12.51 14.12
CA THR A 448 6.28 -12.39 13.84
C THR A 448 5.65 -11.18 14.51
N LEU A 449 6.38 -10.51 15.40
CA LEU A 449 5.85 -9.26 15.94
C LEU A 449 5.90 -8.30 14.77
N ASP A 450 6.99 -8.40 13.99
CA ASP A 450 7.15 -7.56 12.83
C ASP A 450 6.22 -7.99 11.73
N GLN A 451 5.91 -9.24 11.58
CA GLN A 451 4.92 -9.55 10.58
C GLN A 451 3.59 -8.99 10.98
N MET A 452 3.24 -9.04 12.26
CA MET A 452 1.96 -8.46 12.62
C MET A 452 1.96 -6.97 12.35
N CYS A 453 3.12 -6.33 12.55
CA CYS A 453 3.27 -4.90 12.32
C CYS A 453 3.48 -4.57 10.86
N SER A 454 3.53 -5.55 10.00
CA SER A 454 3.69 -5.30 8.58
C SER A 454 2.34 -5.41 7.92
N VAL A 455 1.35 -5.78 8.71
CA VAL A 455 0.00 -5.92 8.19
C VAL A 455 -0.85 -4.77 8.66
N MET A 456 -0.84 -4.53 9.98
CA MET A 456 -1.62 -3.44 10.55
C MET A 456 -0.69 -2.48 11.24
N THR A 457 -0.40 -1.35 10.63
CA THR A 457 0.59 -0.48 11.25
C THR A 457 0.48 1.02 10.92
N CYS A 458 0.97 1.81 11.85
CA CYS A 458 1.00 3.24 11.63
C CYS A 458 2.43 3.61 11.26
N SER A 459 2.55 4.36 10.22
CA SER A 459 3.84 4.85 9.76
C SER A 459 3.50 5.86 8.70
N ARG A 460 4.13 7.04 8.76
CA ARG A 460 3.90 8.05 7.77
C ARG A 460 5.22 8.62 7.39
N LYS A 461 5.33 9.21 6.22
CA LYS A 461 6.61 9.81 5.94
C LYS A 461 6.69 11.08 6.74
N THR A 462 7.90 11.44 7.11
CA THR A 462 8.05 12.69 7.84
C THR A 462 9.42 13.25 7.68
N ASN A 463 9.55 14.54 7.97
CA ASN A 463 10.85 15.14 7.87
C ASN A 463 11.50 15.25 9.24
N ARG A 464 10.81 14.76 10.27
CA ARG A 464 11.31 14.88 11.62
C ARG A 464 11.44 13.55 12.36
N TRP A 465 12.68 13.20 12.70
CA TRP A 465 12.99 11.89 13.29
C TRP A 465 12.21 11.32 14.46
N PRO A 466 11.98 12.05 15.56
CA PRO A 466 11.32 11.45 16.74
C PRO A 466 9.92 10.89 16.42
N MET A 467 9.32 11.26 15.29
CA MET A 467 8.02 10.70 14.96
C MET A 467 8.15 9.24 14.59
N ALA A 468 9.32 8.82 14.11
CA ALA A 468 9.48 7.44 13.77
C ALA A 468 9.31 6.58 15.00
N LEU A 469 9.80 7.06 16.12
CA LEU A 469 9.72 6.34 17.36
C LEU A 469 8.31 6.36 17.90
N LEU A 470 7.61 7.48 17.71
CA LEU A 470 6.25 7.56 18.21
C LEU A 470 5.40 6.54 17.50
N TYR A 471 5.55 6.42 16.18
CA TYR A 471 4.69 5.49 15.49
C TYR A 471 5.02 4.06 15.89
N GLY A 472 6.31 3.75 16.08
CA GLY A 472 6.70 2.39 16.48
C GLY A 472 6.04 2.00 17.80
N MET A 473 5.99 2.97 18.73
CA MET A 473 5.42 2.71 20.03
C MET A 473 3.92 2.45 19.96
N ILE A 474 3.22 3.07 19.03
CA ILE A 474 1.79 2.84 18.93
C ILE A 474 1.51 1.44 18.46
N ASN A 475 2.25 1.00 17.47
CA ASN A 475 2.11 -0.34 16.91
C ASN A 475 2.37 -1.43 17.96
N ILE A 476 3.37 -1.20 18.80
CA ILE A 476 3.69 -2.15 19.84
C ILE A 476 2.61 -2.16 20.89
N ALA A 477 2.13 -1.00 21.29
CA ALA A 477 1.12 -0.97 22.32
C ALA A 477 -0.14 -1.69 21.87
N CYS A 478 -0.49 -1.58 20.59
CA CYS A 478 -1.69 -2.25 20.13
C CYS A 478 -1.58 -3.77 20.22
N ILE A 479 -0.42 -4.32 19.87
CA ILE A 479 -0.26 -5.76 19.93
C ILE A 479 -0.21 -6.26 21.36
N ASN A 480 0.54 -5.59 22.22
CA ASN A 480 0.62 -6.08 23.57
C ASN A 480 -0.71 -5.96 24.28
N SER A 481 -1.51 -4.94 23.94
CA SER A 481 -2.79 -4.76 24.57
C SER A 481 -3.73 -5.89 24.17
N PHE A 482 -3.61 -6.34 22.91
CA PHE A 482 -4.44 -7.43 22.44
C PHE A 482 -4.09 -8.72 23.16
N ILE A 483 -2.81 -8.97 23.37
CA ILE A 483 -2.44 -10.20 24.06
C ILE A 483 -3.04 -10.26 25.46
N ILE A 484 -2.98 -9.15 26.20
CA ILE A 484 -3.54 -9.14 27.55
C ILE A 484 -5.06 -9.36 27.47
N TYR A 485 -5.70 -8.69 26.52
CA TYR A 485 -7.13 -8.81 26.33
C TYR A 485 -7.58 -10.23 26.06
N SER A 486 -6.91 -10.91 25.12
CA SER A 486 -7.28 -12.25 24.74
C SER A 486 -7.18 -13.21 25.89
N HIS A 487 -6.12 -13.09 26.64
CA HIS A 487 -5.91 -13.95 27.76
C HIS A 487 -7.03 -13.83 28.79
N ASN A 488 -7.36 -12.58 29.13
CA ASN A 488 -8.36 -12.35 30.15
C ASN A 488 -9.77 -12.75 29.74
N VAL A 489 -10.05 -12.72 28.46
CA VAL A 489 -11.39 -13.13 28.04
C VAL A 489 -11.47 -14.67 27.96
N SER A 490 -10.50 -15.32 27.38
CA SER A 490 -10.59 -16.77 27.23
C SER A 490 -10.50 -17.50 28.57
N SER A 491 -9.87 -16.90 29.58
CA SER A 491 -9.72 -17.54 30.89
C SER A 491 -11.04 -17.58 31.62
N LYS A 492 -12.02 -16.82 31.16
CA LYS A 492 -13.34 -16.78 31.76
C LYS A 492 -14.29 -17.69 31.02
N GLY A 493 -13.81 -18.33 29.96
CA GLY A 493 -14.62 -19.24 29.17
C GLY A 493 -15.43 -18.49 28.13
N GLU A 494 -15.04 -17.30 27.77
CA GLU A 494 -15.80 -16.52 26.78
C GLU A 494 -15.09 -16.56 25.43
N LYS A 495 -15.66 -15.95 24.39
CA LYS A 495 -15.04 -15.95 23.07
C LYS A 495 -14.11 -14.77 22.89
N VAL A 496 -13.02 -15.02 22.18
CA VAL A 496 -12.07 -13.98 21.87
C VAL A 496 -12.24 -13.49 20.45
N GLN A 497 -12.33 -12.18 20.32
CA GLN A 497 -12.50 -11.52 19.05
C GLN A 497 -11.17 -11.44 18.34
N SER A 498 -11.21 -11.35 17.03
CA SER A 498 -10.00 -11.22 16.25
C SER A 498 -9.37 -9.87 16.43
N ARG A 499 -8.10 -9.77 16.05
CA ARG A 499 -7.35 -8.57 16.21
C ARG A 499 -8.01 -7.36 15.52
N LYS A 500 -8.67 -7.60 14.41
CA LYS A 500 -9.31 -6.53 13.69
C LYS A 500 -10.46 -5.93 14.47
N LYS A 501 -11.19 -6.74 15.22
CA LYS A 501 -12.31 -6.17 15.96
C LYS A 501 -11.79 -5.40 17.15
N PHE A 502 -10.68 -5.87 17.71
CA PHE A 502 -10.07 -5.20 18.83
C PHE A 502 -9.69 -3.78 18.40
N MET A 503 -9.03 -3.69 17.25
CA MET A 503 -8.60 -2.41 16.71
C MET A 503 -9.78 -1.52 16.34
N ARG A 504 -10.87 -2.09 15.87
CA ARG A 504 -12.03 -1.24 15.54
C ARG A 504 -12.61 -0.70 16.82
N ASN A 505 -12.61 -1.48 17.87
CA ASN A 505 -13.14 -0.99 19.13
C ASN A 505 -12.23 0.06 19.73
N LEU A 506 -10.93 -0.02 19.53
CA LEU A 506 -10.10 1.05 20.08
C LEU A 506 -10.47 2.33 19.36
N TYR A 507 -10.74 2.28 18.08
CA TYR A 507 -11.10 3.52 17.39
C TYR A 507 -12.35 4.10 17.99
N MET A 508 -13.37 3.28 18.18
CA MET A 508 -14.63 3.77 18.70
C MET A 508 -14.57 4.25 20.15
N SER A 509 -13.79 3.59 21.00
CA SER A 509 -13.72 3.99 22.39
C SER A 509 -12.72 5.10 22.65
N LEU A 510 -11.77 5.27 21.76
CA LEU A 510 -10.72 6.23 21.90
C LEU A 510 -11.09 7.64 21.40
N THR A 511 -11.94 7.73 20.37
CA THR A 511 -12.31 9.05 19.83
C THR A 511 -13.66 9.61 20.25
N SER A 512 -14.53 8.84 20.85
CA SER A 512 -15.89 9.32 21.15
C SER A 512 -16.01 10.53 22.08
N SER A 513 -15.11 10.69 23.04
CA SER A 513 -15.25 11.83 23.94
C SER A 513 -14.89 13.13 23.27
N PHE A 514 -14.02 13.04 22.27
CA PHE A 514 -13.62 14.19 21.50
C PHE A 514 -14.70 14.58 20.54
N MET A 515 -15.30 13.59 19.90
CA MET A 515 -16.30 13.88 18.91
C MET A 515 -17.49 14.59 19.55
N ARG A 516 -17.81 14.24 20.78
CA ARG A 516 -18.91 14.87 21.48
C ARG A 516 -18.67 16.34 21.76
N LYS A 517 -17.44 16.78 21.67
CA LYS A 517 -17.11 18.19 21.92
C LYS A 517 -17.08 18.98 20.64
N ARG A 518 -17.15 18.30 19.51
CA ARG A 518 -17.20 19.03 18.24
C ARG A 518 -18.63 19.51 18.06
N LEU A 519 -19.54 18.71 18.54
CA LEU A 519 -20.96 19.01 18.50
C LEU A 519 -21.34 19.97 19.60
N GLU A 520 -20.59 21.05 19.67
CA GLU A 520 -20.80 22.11 20.62
C GLU A 520 -20.93 23.39 19.82
N ALA A 521 -20.11 23.47 18.80
CA ALA A 521 -20.16 24.62 17.92
C ALA A 521 -21.45 24.69 17.14
N PRO A 522 -22.12 25.83 17.18
CA PRO A 522 -23.38 26.07 16.48
C PRO A 522 -23.17 26.02 14.98
N THR A 523 -21.92 26.20 14.60
CA THR A 523 -21.57 26.23 13.18
C THR A 523 -20.82 25.02 12.67
N LEU A 524 -20.75 23.93 13.42
CA LEU A 524 -20.00 22.83 12.83
C LEU A 524 -20.73 22.46 11.55
N LYS A 525 -20.00 22.24 10.46
CA LYS A 525 -20.70 21.92 9.22
C LYS A 525 -21.62 20.74 9.44
N ARG A 526 -22.85 20.93 8.99
CA ARG A 526 -23.86 19.96 9.24
C ARG A 526 -23.62 18.58 8.65
N TYR A 527 -22.97 18.44 7.52
CA TYR A 527 -22.84 17.09 7.07
C TYR A 527 -22.01 16.28 8.08
N LEU A 528 -21.14 16.92 8.83
CA LEU A 528 -20.38 16.21 9.84
C LEU A 528 -21.29 15.96 11.01
N ARG A 529 -22.08 16.92 11.39
CA ARG A 529 -22.99 16.68 12.52
C ARG A 529 -23.88 15.48 12.28
N ASP A 530 -24.33 15.31 11.05
CA ASP A 530 -25.22 14.19 10.79
C ASP A 530 -24.48 12.86 10.95
N ASN A 531 -23.22 12.80 10.49
CA ASN A 531 -22.48 11.57 10.59
C ASN A 531 -21.99 11.29 11.99
N ILE A 532 -21.60 12.35 12.71
CA ILE A 532 -21.15 12.17 14.07
C ILE A 532 -22.24 11.66 14.93
N SER A 533 -23.43 12.22 14.79
CA SER A 533 -24.50 11.77 15.64
C SER A 533 -24.80 10.31 15.42
N ASN A 534 -24.81 9.84 14.17
CA ASN A 534 -25.13 8.43 14.00
C ASN A 534 -24.00 7.46 14.36
N ILE A 535 -22.75 7.76 14.06
CA ILE A 535 -21.75 6.79 14.45
C ILE A 535 -21.16 7.12 15.80
N LEU A 536 -21.91 6.84 16.81
CA LEU A 536 -21.52 7.16 18.16
C LEU A 536 -22.43 6.37 19.14
N PRO A 537 -21.88 5.64 20.10
CA PRO A 537 -22.72 4.87 20.99
C PRO A 537 -23.57 5.84 21.82
N ASN A 538 -24.79 5.40 22.17
CA ASN A 538 -25.68 6.28 22.94
C ASN A 538 -25.52 6.09 24.39
N GLU A 539 -24.91 7.08 25.01
CA GLU A 539 -24.62 7.07 26.42
C GLU A 539 -25.65 7.87 27.22
N VAL A 540 -26.68 8.41 26.55
CA VAL A 540 -27.66 9.23 27.23
C VAL A 540 -28.98 8.44 27.44
N PRO A 541 -29.37 8.21 28.73
CA PRO A 541 -30.59 7.55 29.19
C PRO A 541 -31.82 8.36 28.84
N GLY A 542 -32.95 7.67 28.73
CA GLY A 542 -34.27 8.26 28.55
C GLY A 542 -34.52 8.94 27.21
N THR A 543 -33.86 8.50 26.15
CA THR A 543 -34.09 9.11 24.85
C THR A 543 -34.45 8.07 23.82
N SER A 544 -34.98 8.52 22.70
CA SER A 544 -35.32 7.64 21.58
C SER A 544 -35.37 8.41 20.27
N ASP A 545 -35.46 7.72 19.14
CA ASP A 545 -35.51 8.41 17.86
C ASP A 545 -36.74 9.33 17.73
N ASP A 546 -37.85 8.96 18.37
CA ASP A 546 -39.06 9.76 18.34
C ASP A 546 -39.23 10.64 19.58
N SER A 547 -38.18 10.74 20.40
CA SER A 547 -38.16 11.55 21.61
C SER A 547 -36.77 12.11 21.69
N THR A 548 -36.57 13.21 20.93
CA THR A 548 -35.26 13.82 20.82
C THR A 548 -35.29 15.31 20.56
N GLU A 549 -34.18 15.96 20.91
CA GLU A 549 -33.99 17.38 20.73
C GLU A 549 -33.49 17.69 19.32
N GLU A 550 -33.12 16.66 18.56
CA GLU A 550 -32.57 16.88 17.22
C GLU A 550 -33.38 17.79 16.28
N PRO A 551 -34.70 17.56 16.11
CA PRO A 551 -35.57 18.31 15.16
C PRO A 551 -35.77 19.82 15.46
N VAL A 552 -34.64 20.49 15.66
CA VAL A 552 -34.58 21.92 15.85
C VAL A 552 -33.67 22.36 14.71
N THR A 553 -33.09 21.31 14.11
CA THR A 553 -32.18 21.38 12.99
C THR A 553 -32.96 21.25 11.69
N LYS A 554 -34.27 21.05 11.82
CA LYS A 554 -35.08 20.94 10.64
C LYS A 554 -35.04 22.25 9.89
N LYS A 555 -34.97 23.32 10.65
CA LYS A 555 -34.94 24.64 10.09
C LYS A 555 -33.55 25.02 9.64
N ARG A 556 -33.08 24.34 8.59
CA ARG A 556 -31.79 24.67 8.04
C ARG A 556 -31.87 26.09 7.58
N THR A 557 -30.86 26.87 7.78
CA THR A 557 -31.00 28.23 7.37
C THR A 557 -30.99 28.40 5.85
N TYR A 558 -30.30 27.56 5.03
CA TYR A 558 -30.21 27.87 3.58
C TYR A 558 -30.84 26.91 2.59
N CYS A 559 -31.11 27.46 1.40
CA CYS A 559 -31.72 26.75 0.28
C CYS A 559 -30.82 25.64 -0.25
N THR A 560 -31.37 24.45 -0.41
CA THR A 560 -30.62 23.30 -0.89
C THR A 560 -30.05 23.52 -2.28
N TYR A 561 -30.81 24.19 -3.10
CA TYR A 561 -30.41 24.39 -4.48
C TYR A 561 -29.89 25.78 -4.84
N CYS A 562 -29.68 26.66 -3.90
CA CYS A 562 -29.12 27.97 -4.26
C CYS A 562 -27.65 28.02 -3.83
N PRO A 563 -26.76 28.75 -4.46
CA PRO A 563 -25.36 28.78 -4.04
C PRO A 563 -25.32 29.33 -2.62
N SER A 564 -24.45 28.74 -1.80
CA SER A 564 -24.32 29.10 -0.40
C SER A 564 -23.66 30.43 -0.21
N LYS A 565 -22.98 30.88 -1.24
CA LYS A 565 -22.27 32.13 -1.23
C LYS A 565 -23.18 33.34 -1.16
N ILE A 566 -24.46 33.16 -1.46
CA ILE A 566 -25.33 34.32 -1.43
C ILE A 566 -26.14 34.36 -0.13
N ARG A 567 -26.00 33.33 0.73
CA ARG A 567 -26.68 33.27 2.03
C ARG A 567 -28.16 33.55 1.91
N ARG A 568 -28.80 32.86 0.99
CA ARG A 568 -30.21 33.03 0.75
C ARG A 568 -30.96 32.02 1.62
N LYS A 569 -31.70 32.57 2.56
CA LYS A 569 -32.43 31.77 3.52
C LYS A 569 -33.64 31.03 3.00
N ALA A 570 -33.81 29.84 3.52
CA ALA A 570 -34.94 28.99 3.17
C ALA A 570 -35.95 28.85 4.29
N ASN A 571 -37.21 29.18 3.98
CA ASN A 571 -38.33 29.09 4.92
C ASN A 571 -39.35 28.03 4.54
N ALA A 572 -38.94 27.10 3.67
CA ALA A 572 -39.85 26.08 3.19
C ALA A 572 -39.14 24.78 2.90
N SER A 573 -39.90 23.71 2.75
CA SER A 573 -39.33 22.43 2.41
C SER A 573 -40.20 21.73 1.40
N CYS A 574 -39.60 20.76 0.69
CA CYS A 574 -40.26 19.99 -0.35
C CYS A 574 -40.98 18.80 0.30
N LYS A 575 -42.29 18.80 0.20
CA LYS A 575 -43.14 17.80 0.85
C LYS A 575 -42.87 16.37 0.46
N LYS A 576 -42.58 16.16 -0.81
CA LYS A 576 -42.39 14.82 -1.31
C LYS A 576 -41.01 14.25 -0.99
N CYS A 577 -39.99 15.10 -0.94
CA CYS A 577 -38.64 14.61 -0.66
C CYS A 577 -38.05 15.08 0.67
N LYS A 578 -38.76 15.94 1.39
CA LYS A 578 -38.37 16.48 2.69
C LYS A 578 -37.06 17.25 2.69
N LYS A 579 -36.91 18.16 1.70
CA LYS A 579 -35.69 18.94 1.62
C LYS A 579 -35.95 20.42 1.74
N VAL A 580 -35.00 21.15 2.29
CA VAL A 580 -35.19 22.58 2.48
C VAL A 580 -34.96 23.39 1.22
N ILE A 581 -35.96 24.19 0.85
CA ILE A 581 -35.97 24.98 -0.36
C ILE A 581 -36.34 26.44 -0.18
N CYS A 582 -36.00 27.24 -1.17
CA CYS A 582 -36.34 28.65 -1.20
C CYS A 582 -37.48 28.88 -2.17
N ARG A 583 -38.28 29.93 -1.92
CA ARG A 583 -39.42 30.29 -2.78
C ARG A 583 -38.99 30.59 -4.19
N GLU A 584 -37.79 31.12 -4.35
CA GLU A 584 -37.31 31.44 -5.67
C GLU A 584 -37.30 30.21 -6.54
N HIS A 585 -37.05 29.06 -5.97
CA HIS A 585 -37.09 27.87 -6.78
C HIS A 585 -38.48 27.33 -6.87
N ASN A 586 -39.00 26.97 -5.70
CA ASN A 586 -40.35 26.43 -5.54
C ASN A 586 -40.88 26.65 -4.12
N ILE A 587 -42.15 26.53 -3.86
CA ILE A 587 -42.59 26.72 -2.47
C ILE A 587 -43.00 25.40 -1.77
N ASP A 588 -43.89 24.62 -2.38
CA ASP A 588 -44.41 23.38 -1.79
C ASP A 588 -43.54 22.15 -2.06
N MET A 589 -43.12 22.02 -3.31
CA MET A 589 -42.25 20.92 -3.69
C MET A 589 -41.15 21.45 -4.57
N CYS A 590 -40.03 20.81 -4.40
CA CYS A 590 -38.82 21.10 -5.14
C CYS A 590 -39.03 20.76 -6.61
N GLN A 591 -38.20 21.31 -7.46
CA GLN A 591 -38.34 21.12 -8.90
C GLN A 591 -38.14 19.69 -9.36
N SER A 592 -37.48 18.87 -8.54
CA SER A 592 -37.24 17.47 -8.85
C SER A 592 -38.33 16.54 -8.31
N CYS A 593 -39.26 17.10 -7.54
CA CYS A 593 -40.32 16.32 -6.92
C CYS A 593 -41.65 16.58 -7.62
N PHE A 594 -42.18 15.55 -8.23
CA PHE A 594 -43.41 15.66 -8.98
C PHE A 594 -43.74 14.29 -9.56
N SER B 117 9.19 12.79 -37.92
CA SER B 117 7.91 12.39 -37.39
C SER B 117 7.87 12.57 -35.89
N GLN B 118 9.00 13.02 -35.38
CA GLN B 118 9.20 13.27 -33.95
C GLN B 118 8.76 12.06 -33.15
N ARG B 119 7.90 12.28 -32.14
CA ARG B 119 7.39 11.17 -31.34
C ARG B 119 6.02 11.56 -30.82
N GLY B 120 5.23 10.57 -30.47
CA GLY B 120 3.90 10.85 -29.98
C GLY B 120 2.87 9.90 -30.56
N PRO B 121 1.59 10.11 -30.19
CA PRO B 121 0.53 9.24 -30.67
C PRO B 121 0.45 9.19 -32.22
N THR B 122 0.04 8.06 -32.76
CA THR B 122 -0.04 7.93 -34.20
C THR B 122 -1.30 8.54 -34.74
N ARG B 123 -1.43 8.54 -36.07
CA ARG B 123 -2.56 9.18 -36.71
C ARG B 123 -3.92 8.73 -36.17
N MET B 124 -4.04 7.44 -35.88
CA MET B 124 -5.31 6.91 -35.42
C MET B 124 -5.56 7.16 -33.95
N CYS B 125 -4.60 7.82 -33.29
CA CYS B 125 -4.71 8.12 -31.87
C CYS B 125 -4.83 9.62 -31.64
N ARG B 126 -4.95 10.39 -32.72
CA ARG B 126 -5.04 11.85 -32.59
C ARG B 126 -6.41 12.30 -32.15
N ASN B 127 -6.42 13.42 -31.46
CA ASN B 127 -7.63 14.08 -30.99
C ASN B 127 -8.55 13.22 -30.12
N ILE B 128 -7.96 12.44 -29.25
CA ILE B 128 -8.72 11.67 -28.31
C ILE B 128 -8.50 12.36 -26.99
N TYR B 129 -9.55 12.95 -26.44
CA TYR B 129 -9.42 13.68 -25.18
C TYR B 129 -10.17 13.01 -24.04
N ASP B 130 -10.61 11.78 -24.30
CA ASP B 130 -11.44 11.03 -23.35
C ASP B 130 -10.70 9.84 -22.85
N PRO B 131 -10.33 9.81 -21.61
CA PRO B 131 -9.50 8.77 -21.10
C PRO B 131 -10.16 7.36 -21.24
N LEU B 132 -11.50 7.23 -21.45
CA LEU B 132 -12.08 5.89 -21.62
C LEU B 132 -11.62 5.34 -22.97
N LEU B 133 -11.51 6.22 -23.93
CA LEU B 133 -11.14 5.79 -25.27
C LEU B 133 -9.66 5.51 -25.29
N CYS B 134 -8.90 6.28 -24.53
CA CYS B 134 -7.49 6.02 -24.51
C CYS B 134 -7.23 4.65 -23.90
N PHE B 135 -8.12 4.25 -22.95
CA PHE B 135 -8.03 2.93 -22.30
C PHE B 135 -8.45 1.84 -23.27
N LYS B 136 -9.57 2.06 -24.00
CA LYS B 136 -10.06 1.05 -24.94
C LYS B 136 -9.06 0.73 -26.05
N LEU B 137 -8.18 1.65 -26.37
CA LEU B 137 -7.22 1.33 -27.41
C LEU B 137 -6.40 0.08 -27.03
N PHE B 138 -6.28 -0.22 -25.76
CA PHE B 138 -5.47 -1.35 -25.34
C PHE B 138 -6.28 -2.57 -24.92
N PHE B 139 -7.61 -2.38 -24.87
CA PHE B 139 -8.59 -3.39 -24.54
C PHE B 139 -9.72 -3.27 -25.51
N THR B 140 -9.42 -3.80 -26.69
CA THR B 140 -10.25 -3.75 -27.83
C THR B 140 -11.45 -4.69 -27.73
N ASP B 141 -12.39 -4.55 -28.66
CA ASP B 141 -13.57 -5.36 -28.61
C ASP B 141 -13.29 -6.85 -28.68
N GLU B 142 -12.25 -7.24 -29.42
CA GLU B 142 -11.95 -8.66 -29.52
C GLU B 142 -11.55 -9.25 -28.18
N ILE B 143 -10.81 -8.49 -27.38
CA ILE B 143 -10.38 -8.95 -26.07
C ILE B 143 -11.55 -9.08 -25.13
N ILE B 144 -12.41 -8.09 -25.14
CA ILE B 144 -13.55 -8.14 -24.24
C ILE B 144 -14.50 -9.26 -24.63
N SER B 145 -14.75 -9.46 -25.93
CA SER B 145 -15.65 -10.53 -26.32
C SER B 145 -15.09 -11.91 -25.98
N GLU B 146 -13.77 -12.12 -26.11
CA GLU B 146 -13.22 -13.44 -25.77
C GLU B 146 -13.35 -13.70 -24.29
N ILE B 147 -13.15 -12.68 -23.46
CA ILE B 147 -13.26 -12.91 -22.03
C ILE B 147 -14.68 -13.26 -21.66
N VAL B 148 -15.67 -12.56 -22.19
CA VAL B 148 -17.03 -12.90 -21.79
C VAL B 148 -17.43 -14.27 -22.30
N LYS B 149 -17.12 -14.57 -23.56
CA LYS B 149 -17.51 -15.83 -24.13
C LYS B 149 -16.93 -17.04 -23.43
N TRP B 150 -15.66 -17.00 -23.07
CA TRP B 150 -15.12 -18.18 -22.44
C TRP B 150 -15.42 -18.25 -20.96
N THR B 151 -15.63 -17.11 -20.30
CA THR B 151 -15.93 -17.11 -18.87
C THR B 151 -17.22 -17.83 -18.62
N ASN B 152 -18.18 -17.62 -19.51
CA ASN B 152 -19.48 -18.26 -19.35
C ASN B 152 -19.38 -19.77 -19.35
N ALA B 153 -18.34 -20.34 -19.94
CA ALA B 153 -18.22 -21.78 -19.94
C ALA B 153 -18.02 -22.31 -18.52
N GLU B 154 -17.26 -21.57 -17.70
CA GLU B 154 -17.01 -21.98 -16.33
C GLU B 154 -18.18 -21.72 -15.45
N ILE B 155 -18.89 -20.62 -15.70
CA ILE B 155 -20.03 -20.34 -14.89
C ILE B 155 -21.02 -21.48 -15.09
N SER B 156 -21.17 -21.94 -16.33
CA SER B 156 -22.07 -23.07 -16.56
C SER B 156 -21.54 -24.35 -15.91
N LEU B 157 -20.24 -24.62 -16.06
CA LEU B 157 -19.62 -25.85 -15.53
C LEU B 157 -19.68 -25.97 -14.02
N LYS B 158 -19.48 -24.84 -13.34
CA LYS B 158 -19.49 -24.87 -11.88
C LYS B 158 -20.84 -24.64 -11.26
N ARG B 159 -21.87 -24.42 -12.05
CA ARG B 159 -23.17 -24.22 -11.45
C ARG B 159 -23.76 -25.56 -11.06
N ARG B 160 -24.26 -25.61 -9.82
CA ARG B 160 -24.88 -26.82 -9.28
C ARG B 160 -26.37 -26.59 -9.17
N GLU B 161 -27.13 -27.63 -8.94
CA GLU B 161 -28.58 -27.53 -8.90
C GLU B 161 -29.15 -26.55 -7.86
N SER B 162 -28.47 -26.36 -6.74
CA SER B 162 -28.94 -25.44 -5.71
C SER B 162 -28.51 -24.01 -5.94
N MET B 163 -27.58 -23.81 -6.90
CA MET B 163 -27.07 -22.47 -7.16
C MET B 163 -27.95 -21.74 -8.15
N THR B 164 -29.13 -21.34 -7.70
CA THR B 164 -30.13 -20.78 -8.59
C THR B 164 -30.33 -19.28 -8.48
N GLY B 165 -29.59 -18.62 -7.62
CA GLY B 165 -29.76 -17.19 -7.40
C GLY B 165 -29.09 -16.31 -8.45
N ALA B 166 -29.28 -14.99 -8.29
CA ALA B 166 -28.75 -13.96 -9.18
C ALA B 166 -27.23 -13.98 -9.21
N THR B 167 -26.67 -14.38 -8.07
CA THR B 167 -25.24 -14.46 -7.89
C THR B 167 -24.59 -15.38 -8.88
N PHE B 168 -25.32 -16.36 -9.40
CA PHE B 168 -24.73 -17.36 -10.26
C PHE B 168 -25.12 -17.26 -11.74
N ARG B 169 -25.49 -16.05 -12.18
CA ARG B 169 -25.86 -15.79 -13.57
C ARG B 169 -24.61 -15.66 -14.44
N ASP B 170 -24.79 -15.71 -15.76
CA ASP B 170 -23.67 -15.64 -16.68
C ASP B 170 -23.18 -14.19 -16.84
N THR B 171 -22.12 -13.99 -17.63
CA THR B 171 -21.50 -12.68 -17.82
C THR B 171 -21.90 -11.96 -19.10
N ASN B 172 -22.21 -10.68 -18.93
CA ASN B 172 -22.53 -9.73 -20.00
C ASN B 172 -21.32 -8.83 -20.23
N GLU B 173 -21.22 -8.17 -21.40
CA GLU B 173 -20.09 -7.31 -21.60
C GLU B 173 -20.14 -6.06 -20.71
N ASP B 174 -21.33 -5.69 -20.27
CA ASP B 174 -21.40 -4.53 -19.39
C ASP B 174 -20.81 -4.87 -18.03
N GLU B 175 -21.01 -6.10 -17.60
CA GLU B 175 -20.51 -6.54 -16.31
C GLU B 175 -19.02 -6.74 -16.31
N ILE B 176 -18.49 -7.22 -17.42
CA ILE B 176 -17.06 -7.39 -17.45
C ILE B 176 -16.42 -6.00 -17.42
N TYR B 177 -16.99 -4.99 -18.09
CA TYR B 177 -16.35 -3.70 -17.97
C TYR B 177 -16.43 -3.20 -16.53
N ALA B 178 -17.56 -3.41 -15.86
CA ALA B 178 -17.67 -2.93 -14.51
C ALA B 178 -16.68 -3.57 -13.55
N PHE B 179 -16.42 -4.86 -13.69
CA PHE B 179 -15.49 -5.45 -12.72
C PHE B 179 -14.08 -4.84 -12.96
N PHE B 180 -13.79 -4.44 -14.22
CA PHE B 180 -12.50 -3.83 -14.49
C PHE B 180 -12.45 -2.47 -13.82
N GLY B 181 -13.59 -1.78 -13.77
CA GLY B 181 -13.70 -0.49 -13.10
C GLY B 181 -13.32 -0.60 -11.63
N ILE B 182 -13.73 -1.70 -11.02
CA ILE B 182 -13.40 -1.97 -9.63
C ILE B 182 -11.90 -2.18 -9.49
N LEU B 183 -11.30 -2.93 -10.39
CA LEU B 183 -9.86 -3.12 -10.28
C LEU B 183 -9.10 -1.80 -10.43
N VAL B 184 -9.56 -0.91 -11.30
CA VAL B 184 -8.87 0.36 -11.44
C VAL B 184 -8.98 1.19 -10.14
N MET B 185 -10.16 1.22 -9.53
CA MET B 185 -10.33 1.97 -8.29
C MET B 185 -9.52 1.43 -7.12
N THR B 186 -9.37 0.11 -7.02
CA THR B 186 -8.57 -0.38 -5.90
C THR B 186 -7.11 0.01 -6.10
N ALA B 187 -6.65 0.08 -7.36
CA ALA B 187 -5.29 0.51 -7.54
C ALA B 187 -5.08 1.94 -7.06
N VAL B 188 -6.06 2.81 -7.31
CA VAL B 188 -5.98 4.22 -6.92
C VAL B 188 -5.93 4.43 -5.43
N ARG B 189 -6.73 3.65 -4.72
CA ARG B 189 -6.83 3.74 -3.27
C ARG B 189 -5.78 2.97 -2.52
N LYS B 190 -4.93 2.23 -3.26
CA LYS B 190 -3.90 1.42 -2.62
C LYS B 190 -4.46 0.43 -1.63
N ASP B 191 -5.59 -0.22 -1.94
CA ASP B 191 -6.11 -1.17 -0.97
C ASP B 191 -6.35 -2.54 -1.62
N ASN B 192 -5.46 -2.89 -2.52
CA ASN B 192 -5.57 -4.15 -3.27
C ASN B 192 -5.16 -5.36 -2.42
N HIS B 193 -4.66 -5.15 -1.22
CA HIS B 193 -4.31 -6.26 -0.36
C HIS B 193 -5.27 -6.32 0.81
N MET B 194 -6.36 -5.60 0.69
CA MET B 194 -7.39 -5.61 1.69
C MET B 194 -8.38 -6.66 1.28
N SER B 195 -8.97 -7.35 2.24
CA SER B 195 -9.93 -8.42 1.96
C SER B 195 -11.25 -7.93 1.43
N THR B 196 -11.98 -8.83 0.75
CA THR B 196 -13.29 -8.40 0.19
C THR B 196 -14.30 -8.31 1.31
N ASP B 197 -13.97 -8.87 2.46
CA ASP B 197 -14.84 -8.77 3.59
C ASP B 197 -14.94 -7.31 4.04
N ASP B 198 -13.84 -6.53 3.93
CA ASP B 198 -13.85 -5.13 4.34
C ASP B 198 -14.14 -4.18 3.20
N LEU B 199 -13.68 -4.53 2.01
CA LEU B 199 -13.87 -3.63 0.87
C LEU B 199 -15.32 -3.41 0.56
N PHE B 200 -16.14 -4.39 0.81
CA PHE B 200 -17.55 -4.31 0.51
C PHE B 200 -18.39 -4.00 1.75
N ASP B 201 -17.75 -3.49 2.80
CA ASP B 201 -18.41 -3.12 4.08
C ASP B 201 -18.95 -1.69 4.00
N ARG B 202 -20.28 -1.56 4.02
CA ARG B 202 -21.02 -0.29 3.89
C ARG B 202 -20.69 0.72 4.96
N SER B 203 -20.24 0.27 6.12
CA SER B 203 -19.93 1.22 7.17
C SER B 203 -18.64 1.98 6.93
N LEU B 204 -17.80 1.52 5.98
CA LEU B 204 -16.57 2.23 5.72
C LEU B 204 -16.64 2.97 4.40
N SER B 205 -17.18 2.36 3.34
CA SER B 205 -17.33 3.10 2.08
C SER B 205 -18.32 2.49 1.13
N MET B 206 -19.01 3.33 0.36
CA MET B 206 -19.99 2.79 -0.57
C MET B 206 -19.39 2.67 -1.99
N VAL B 207 -18.15 3.09 -2.17
CA VAL B 207 -17.55 3.10 -3.51
C VAL B 207 -17.50 1.75 -4.20
N TYR B 208 -17.48 0.67 -3.44
CA TYR B 208 -17.40 -0.65 -4.05
C TYR B 208 -18.68 -1.43 -3.94
N VAL B 209 -19.71 -0.93 -3.31
CA VAL B 209 -20.91 -1.76 -3.23
C VAL B 209 -21.98 -1.27 -4.16
N SER B 210 -21.85 -0.03 -4.63
CA SER B 210 -22.80 0.48 -5.57
C SER B 210 -22.59 -0.19 -6.92
N VAL B 211 -21.41 -0.74 -7.15
CA VAL B 211 -21.14 -1.37 -8.43
C VAL B 211 -21.47 -2.85 -8.46
N MET B 212 -21.03 -3.61 -7.46
CA MET B 212 -21.24 -5.02 -7.46
C MET B 212 -21.33 -5.60 -6.07
N SER B 213 -22.07 -6.70 -5.88
CA SER B 213 -22.15 -7.30 -4.54
C SER B 213 -20.85 -8.00 -4.20
N ARG B 214 -20.61 -8.24 -2.91
CA ARG B 214 -19.41 -8.96 -2.49
C ARG B 214 -19.33 -10.34 -3.07
N ASP B 215 -20.43 -11.05 -3.09
CA ASP B 215 -20.46 -12.41 -3.53
C ASP B 215 -20.36 -12.56 -5.02
N ARG B 216 -20.96 -11.68 -5.79
CA ARG B 216 -20.80 -11.89 -7.20
C ARG B 216 -19.39 -11.55 -7.60
N PHE B 217 -18.77 -10.58 -6.92
CA PHE B 217 -17.40 -10.26 -7.25
C PHE B 217 -16.54 -11.49 -6.99
N ASP B 218 -16.68 -12.11 -5.81
CA ASP B 218 -15.87 -13.34 -5.52
C ASP B 218 -16.15 -14.44 -6.61
N PHE B 219 -17.41 -14.59 -6.99
CA PHE B 219 -17.77 -15.63 -7.96
C PHE B 219 -17.12 -15.39 -9.32
N LEU B 220 -17.17 -14.16 -9.82
CA LEU B 220 -16.57 -13.89 -11.12
C LEU B 220 -15.06 -14.06 -11.09
N ILE B 221 -14.40 -13.66 -10.01
CA ILE B 221 -12.94 -13.79 -10.01
C ILE B 221 -12.56 -15.24 -10.16
N ARG B 222 -13.29 -16.15 -9.57
CA ARG B 222 -13.00 -17.57 -9.68
C ARG B 222 -13.24 -18.14 -11.09
N CYS B 223 -14.10 -17.53 -11.86
CA CYS B 223 -14.52 -18.05 -13.14
C CYS B 223 -13.93 -17.46 -14.41
N LEU B 224 -13.26 -16.33 -14.34
CA LEU B 224 -12.74 -15.75 -15.60
C LEU B 224 -11.77 -16.66 -16.34
N ARG B 225 -11.98 -16.78 -17.66
CA ARG B 225 -11.11 -17.57 -18.52
C ARG B 225 -10.87 -16.87 -19.84
N MET B 226 -9.72 -17.14 -20.44
CA MET B 226 -9.32 -16.51 -21.70
C MET B 226 -9.16 -17.51 -22.86
N ASP B 227 -9.73 -18.71 -22.72
CA ASP B 227 -9.58 -19.71 -23.78
C ASP B 227 -10.71 -20.73 -23.82
N ASP B 228 -10.63 -21.61 -24.84
CA ASP B 228 -11.58 -22.69 -25.03
C ASP B 228 -11.01 -23.97 -24.41
N LYS B 229 -11.59 -24.33 -23.27
CA LYS B 229 -11.12 -25.46 -22.49
C LYS B 229 -11.18 -26.80 -23.20
N SER B 230 -12.00 -26.92 -24.24
CA SER B 230 -12.12 -28.19 -24.95
C SER B 230 -11.02 -28.40 -26.00
N ILE B 231 -10.36 -27.33 -26.36
CA ILE B 231 -9.31 -27.35 -27.34
C ILE B 231 -7.95 -27.41 -26.67
N ARG B 232 -7.86 -26.67 -25.56
CA ARG B 232 -6.67 -26.50 -24.75
C ARG B 232 -5.83 -27.77 -24.50
N PRO B 233 -6.45 -28.95 -24.15
CA PRO B 233 -5.58 -30.11 -23.79
C PRO B 233 -4.62 -30.55 -24.95
N THR B 234 -4.92 -30.21 -26.19
CA THR B 234 -4.00 -30.56 -27.29
C THR B 234 -3.39 -29.30 -27.88
N LEU B 235 -4.07 -28.18 -27.71
CA LEU B 235 -3.63 -26.87 -28.20
C LEU B 235 -2.34 -26.47 -27.55
N ARG B 236 -2.20 -26.87 -26.30
CA ARG B 236 -1.05 -26.59 -25.45
C ARG B 236 0.23 -27.35 -25.84
N GLU B 237 0.15 -28.35 -26.68
CA GLU B 237 1.40 -29.00 -27.02
C GLU B 237 2.37 -27.95 -27.56
N ASN B 238 3.57 -27.93 -26.97
CA ASN B 238 4.67 -27.04 -27.32
C ASN B 238 4.47 -25.56 -26.95
N ASP B 239 3.43 -25.21 -26.18
CA ASP B 239 3.28 -23.79 -25.74
C ASP B 239 2.63 -23.74 -24.35
N VAL B 240 3.47 -23.55 -23.34
CA VAL B 240 3.00 -23.51 -21.96
C VAL B 240 2.18 -22.26 -21.60
N PHE B 241 2.24 -21.27 -22.47
CA PHE B 241 1.53 -20.00 -22.28
C PHE B 241 0.15 -20.02 -22.92
N THR B 242 -0.21 -21.14 -23.56
CA THR B 242 -1.45 -21.23 -24.30
C THR B 242 -2.71 -20.62 -23.72
N PRO B 243 -3.06 -20.85 -22.45
CA PRO B 243 -4.33 -20.38 -21.90
C PRO B 243 -4.54 -18.88 -21.97
N VAL B 244 -3.44 -18.12 -22.18
CA VAL B 244 -3.60 -16.64 -22.23
C VAL B 244 -3.01 -16.05 -23.49
N ARG B 245 -2.63 -16.92 -24.42
CA ARG B 245 -1.94 -16.46 -25.60
C ARG B 245 -2.74 -15.59 -26.55
N LYS B 246 -3.99 -15.88 -26.75
CA LYS B 246 -4.74 -15.04 -27.67
C LYS B 246 -4.88 -13.62 -27.17
N ILE B 247 -5.14 -13.47 -25.88
CA ILE B 247 -5.34 -12.14 -25.35
C ILE B 247 -4.03 -11.40 -25.31
N TRP B 248 -2.97 -12.08 -24.91
CA TRP B 248 -1.68 -11.40 -24.83
C TRP B 248 -1.31 -10.86 -26.20
N ASP B 249 -1.48 -11.66 -27.26
CA ASP B 249 -1.05 -11.15 -28.57
C ASP B 249 -1.96 -10.03 -29.05
N LEU B 250 -3.27 -10.09 -28.76
CA LEU B 250 -4.12 -8.99 -29.21
C LEU B 250 -3.73 -7.71 -28.50
N PHE B 251 -3.32 -7.83 -27.22
CA PHE B 251 -2.95 -6.69 -26.41
C PHE B 251 -1.65 -6.08 -26.87
N ILE B 252 -0.61 -6.89 -27.01
CA ILE B 252 0.69 -6.34 -27.39
C ILE B 252 0.65 -5.65 -28.75
N HIS B 253 -0.18 -6.15 -29.65
CA HIS B 253 -0.31 -5.60 -30.95
C HIS B 253 -0.72 -4.11 -30.91
N GLN B 254 -1.53 -3.74 -29.93
CA GLN B 254 -1.99 -2.37 -29.82
C GLN B 254 -0.98 -1.47 -29.15
N CYS B 255 0.06 -2.01 -28.62
CA CYS B 255 1.05 -1.16 -28.06
C CYS B 255 1.94 -0.72 -29.19
N ILE B 256 2.28 -1.70 -30.00
CA ILE B 256 3.19 -1.49 -31.11
C ILE B 256 2.63 -0.55 -32.15
N GLN B 257 1.36 -0.70 -32.48
CA GLN B 257 0.77 0.11 -33.54
C GLN B 257 0.19 1.47 -33.15
N ASN B 258 0.17 1.86 -31.88
CA ASN B 258 -0.48 3.16 -31.58
C ASN B 258 0.39 4.36 -31.23
N TYR B 259 1.70 4.20 -31.31
CA TYR B 259 2.59 5.25 -30.90
C TYR B 259 3.93 5.28 -31.59
N THR B 260 4.45 6.47 -31.86
CA THR B 260 5.76 6.58 -32.46
C THR B 260 6.80 6.99 -31.36
N PRO B 261 7.82 6.13 -31.14
CA PRO B 261 8.93 6.30 -30.17
C PRO B 261 9.86 7.43 -30.60
N GLY B 262 10.66 7.90 -29.67
CA GLY B 262 11.61 8.93 -29.94
C GLY B 262 12.97 8.33 -30.28
N ALA B 263 14.00 9.15 -30.11
CA ALA B 263 15.38 8.75 -30.40
C ALA B 263 15.93 7.71 -29.43
N HIS B 264 15.43 7.64 -28.21
CA HIS B 264 15.96 6.72 -27.22
C HIS B 264 15.01 5.70 -26.70
N LEU B 265 15.51 4.47 -26.71
CA LEU B 265 14.78 3.31 -26.23
C LEU B 265 15.56 2.58 -25.18
N THR B 266 14.86 1.83 -24.31
CA THR B 266 15.62 1.04 -23.36
C THR B 266 14.96 -0.30 -23.10
N ILE B 267 15.80 -1.30 -22.86
CA ILE B 267 15.30 -2.64 -22.61
C ILE B 267 15.74 -3.21 -21.28
N ASP B 268 14.75 -3.72 -20.54
CA ASP B 268 15.01 -4.30 -19.23
C ASP B 268 13.93 -5.31 -18.86
N GLU B 269 14.06 -5.91 -17.68
CA GLU B 269 13.10 -6.91 -17.21
C GLU B 269 12.14 -6.40 -16.14
N GLN B 270 11.00 -7.07 -16.04
CA GLN B 270 10.00 -6.75 -15.01
C GLN B 270 9.42 -8.03 -14.44
N LEU B 271 9.16 -8.09 -13.12
CA LEU B 271 8.55 -9.32 -12.62
C LEU B 271 7.14 -9.12 -12.14
N LEU B 272 6.35 -10.15 -12.36
CA LEU B 272 4.98 -10.21 -11.88
C LEU B 272 5.05 -11.22 -10.74
N GLY B 273 4.94 -10.78 -9.51
CA GLY B 273 5.05 -11.73 -8.43
C GLY B 273 3.92 -12.74 -8.43
N PHE B 274 4.29 -14.00 -8.18
CA PHE B 274 3.30 -15.08 -8.12
C PHE B 274 3.79 -16.38 -7.51
N ARG B 275 2.96 -16.98 -6.66
CA ARG B 275 3.25 -18.30 -6.13
C ARG B 275 2.02 -19.16 -6.38
N GLY B 276 2.20 -20.46 -6.58
CA GLY B 276 1.05 -21.30 -6.87
C GLY B 276 1.23 -22.25 -8.06
N ARG B 277 2.38 -22.89 -8.11
CA ARG B 277 2.73 -23.88 -9.14
C ARG B 277 2.64 -23.42 -10.59
N CYS B 278 3.12 -22.23 -10.87
CA CYS B 278 3.12 -21.75 -12.24
C CYS B 278 4.27 -22.45 -12.99
N PRO B 279 3.98 -23.06 -14.14
CA PRO B 279 5.04 -23.77 -14.87
C PRO B 279 6.22 -22.91 -15.34
N PHE B 280 6.05 -21.58 -15.26
CA PHE B 280 7.10 -20.62 -15.63
C PHE B 280 7.69 -19.99 -14.39
N ARG B 281 7.31 -20.44 -13.20
CA ARG B 281 7.81 -19.74 -12.03
C ARG B 281 9.31 -19.70 -11.91
N MET B 282 9.82 -18.54 -11.57
CA MET B 282 11.23 -18.35 -11.38
C MET B 282 11.51 -17.82 -10.01
N TYR B 283 12.60 -18.27 -9.44
CA TYR B 283 13.06 -17.78 -8.15
C TYR B 283 14.13 -16.76 -8.43
N ILE B 284 13.90 -15.54 -7.98
CA ILE B 284 14.87 -14.48 -8.26
C ILE B 284 15.22 -13.62 -7.03
N PRO B 285 16.35 -13.89 -6.39
CA PRO B 285 16.80 -13.18 -5.23
C PRO B 285 17.08 -11.71 -5.64
N ASN B 286 17.27 -10.83 -4.66
CA ASN B 286 17.51 -9.41 -4.85
C ASN B 286 16.36 -8.70 -5.55
N LYS B 287 15.15 -9.11 -5.20
CA LYS B 287 13.91 -8.53 -5.67
C LYS B 287 12.98 -8.38 -4.45
N PRO B 288 11.98 -7.51 -4.55
CA PRO B 288 10.90 -7.33 -3.53
C PRO B 288 10.07 -8.54 -3.34
N SER B 289 9.93 -9.25 -4.40
CA SER B 289 9.17 -10.41 -4.38
C SER B 289 10.01 -11.45 -5.00
N LYS B 290 10.30 -12.51 -4.26
CA LYS B 290 11.21 -13.54 -4.79
C LYS B 290 10.67 -14.48 -5.86
N TYR B 291 9.36 -14.71 -5.90
CA TYR B 291 8.90 -15.64 -6.91
C TYR B 291 7.93 -15.03 -7.87
N GLY B 292 8.03 -15.41 -9.13
CA GLY B 292 7.08 -14.85 -10.07
C GLY B 292 7.33 -15.19 -11.55
N ILE B 293 6.56 -14.50 -12.38
CA ILE B 293 6.61 -14.63 -13.82
C ILE B 293 7.41 -13.49 -14.41
N LYS B 294 8.46 -13.82 -15.13
CA LYS B 294 9.31 -12.81 -15.71
C LYS B 294 8.87 -12.39 -17.10
N ILE B 295 8.85 -11.08 -17.33
CA ILE B 295 8.51 -10.47 -18.62
C ILE B 295 9.64 -9.57 -19.14
N LEU B 296 9.99 -9.69 -20.42
CA LEU B 296 11.04 -8.84 -20.97
C LEU B 296 10.34 -7.70 -21.65
N MET B 297 10.87 -6.49 -21.53
CA MET B 297 10.13 -5.34 -22.06
C MET B 297 10.97 -4.21 -22.66
N MET B 298 10.40 -3.58 -23.71
CA MET B 298 11.06 -2.45 -24.34
C MET B 298 10.21 -1.20 -24.18
N CYS B 299 10.84 -0.12 -23.72
CA CYS B 299 10.16 1.14 -23.51
C CYS B 299 10.81 2.36 -24.14
N ASP B 300 9.95 3.30 -24.52
CA ASP B 300 10.36 4.61 -25.03
C ASP B 300 10.95 5.35 -23.81
N SER B 301 12.17 5.82 -23.94
CA SER B 301 12.84 6.52 -22.84
C SER B 301 12.30 7.95 -22.68
N GLY B 302 12.31 8.46 -21.46
CA GLY B 302 11.85 9.82 -21.17
C GLY B 302 10.35 9.81 -20.96
N THR B 303 9.64 9.39 -21.97
CA THR B 303 8.21 9.19 -21.85
C THR B 303 8.10 7.71 -21.71
N LYS B 304 7.64 7.25 -20.57
CA LYS B 304 7.69 5.82 -20.33
C LYS B 304 6.58 5.05 -20.95
N TYR B 305 6.76 4.72 -22.21
CA TYR B 305 5.73 4.01 -22.93
C TYR B 305 6.13 2.60 -23.29
N MET B 306 5.25 1.63 -23.07
CA MET B 306 5.63 0.28 -23.46
C MET B 306 5.43 0.09 -24.94
N ILE B 307 6.46 -0.33 -25.64
CA ILE B 307 6.38 -0.50 -27.08
C ILE B 307 6.14 -1.95 -27.42
N ASN B 308 6.89 -2.80 -26.75
CA ASN B 308 6.85 -4.22 -26.97
C ASN B 308 7.15 -4.99 -25.71
N GLY B 309 7.08 -6.33 -25.83
CA GLY B 309 7.39 -7.19 -24.70
C GLY B 309 6.99 -8.63 -24.93
N MET B 310 7.67 -9.53 -24.24
CA MET B 310 7.45 -10.96 -24.33
C MET B 310 7.73 -11.66 -22.99
N PRO B 311 6.79 -12.51 -22.54
CA PRO B 311 6.92 -13.31 -21.35
C PRO B 311 8.11 -14.26 -21.54
N TYR B 312 8.80 -14.54 -20.45
CA TYR B 312 9.84 -15.49 -20.54
C TYR B 312 9.23 -16.81 -20.09
N LEU B 313 9.25 -17.84 -20.91
CA LEU B 313 8.63 -19.05 -20.44
C LEU B 313 9.65 -20.03 -19.94
N GLY B 314 10.72 -20.21 -20.70
CA GLY B 314 11.84 -21.07 -20.28
C GLY B 314 11.69 -22.55 -20.46
N ARG B 315 10.72 -22.97 -21.16
CA ARG B 315 10.59 -24.38 -21.40
C ARG B 315 10.40 -24.37 -22.86
N GLY B 316 9.40 -23.50 -22.99
CA GLY B 316 8.71 -23.04 -24.13
C GLY B 316 9.38 -21.76 -24.58
N THR B 317 10.69 -21.82 -24.64
CA THR B 317 11.48 -20.73 -25.21
C THR B 317 12.53 -21.42 -26.09
N GLN B 318 12.66 -20.99 -27.34
CA GLN B 318 13.68 -21.62 -28.15
C GLN B 318 14.42 -20.59 -28.96
N THR B 319 15.71 -20.52 -28.70
CA THR B 319 16.63 -19.57 -29.29
C THR B 319 17.80 -20.37 -29.84
N ASN B 320 17.75 -20.74 -31.10
CA ASN B 320 18.77 -21.62 -31.63
C ASN B 320 20.11 -20.96 -31.90
N GLY B 321 21.06 -21.21 -30.98
CA GLY B 321 22.42 -20.67 -31.05
C GLY B 321 22.43 -19.20 -30.63
N VAL B 322 21.38 -18.77 -29.94
CA VAL B 322 21.33 -17.37 -29.54
C VAL B 322 21.12 -17.23 -28.03
N PRO B 323 22.03 -16.60 -27.27
CA PRO B 323 21.92 -16.35 -25.84
C PRO B 323 20.63 -15.46 -25.62
N LEU B 324 19.99 -15.56 -24.49
CA LEU B 324 18.74 -14.80 -24.28
C LEU B 324 18.82 -13.30 -24.41
N GLY B 325 19.90 -12.69 -23.94
CA GLY B 325 19.99 -11.25 -24.02
C GLY B 325 19.91 -10.77 -25.46
N GLU B 326 20.71 -11.42 -26.31
CA GLU B 326 20.75 -11.10 -27.73
C GLU B 326 19.43 -11.38 -28.41
N TYR B 327 18.83 -12.52 -28.06
CA TYR B 327 17.60 -12.91 -28.65
C TYR B 327 16.50 -11.89 -28.38
N TYR B 328 16.36 -11.48 -27.12
CA TYR B 328 15.31 -10.57 -26.80
C TYR B 328 15.56 -9.17 -27.32
N VAL B 329 16.80 -8.70 -27.38
CA VAL B 329 16.92 -7.36 -27.92
C VAL B 329 16.52 -7.38 -29.38
N LYS B 330 16.95 -8.38 -30.13
CA LYS B 330 16.62 -8.37 -31.53
C LYS B 330 15.11 -8.51 -31.72
N GLU B 331 14.45 -9.39 -30.98
CA GLU B 331 13.02 -9.54 -31.20
C GLU B 331 12.20 -8.37 -30.67
N LEU B 332 12.58 -7.78 -29.55
CA LEU B 332 11.84 -6.65 -29.01
C LEU B 332 11.94 -5.46 -29.94
N SER B 333 13.08 -5.33 -30.61
CA SER B 333 13.36 -4.23 -31.49
C SER B 333 12.56 -4.29 -32.78
N LYS B 334 11.94 -5.42 -33.10
CA LYS B 334 11.23 -5.56 -34.37
C LYS B 334 10.63 -4.27 -35.02
N PRO B 335 9.74 -3.55 -34.37
CA PRO B 335 9.07 -2.34 -34.94
C PRO B 335 9.99 -1.20 -35.27
N VAL B 336 11.19 -1.22 -34.70
CA VAL B 336 12.08 -0.08 -34.96
C VAL B 336 13.34 -0.49 -35.73
N ARG B 337 13.39 -1.70 -36.22
CA ARG B 337 14.57 -2.15 -36.95
C ARG B 337 14.78 -1.29 -38.19
N GLY B 338 16.02 -0.84 -38.40
CA GLY B 338 16.36 -0.04 -39.57
C GLY B 338 16.08 1.46 -39.40
N SER B 339 15.65 1.88 -38.19
CA SER B 339 15.31 3.28 -37.97
C SER B 339 16.41 4.21 -37.45
N CYS B 340 17.58 3.68 -37.07
CA CYS B 340 18.69 4.50 -36.54
C CYS B 340 18.40 5.17 -35.18
N ARG B 341 17.80 4.37 -34.28
CA ARG B 341 17.50 4.79 -32.91
C ARG B 341 18.52 4.16 -31.97
N ASN B 342 18.58 4.69 -30.74
CA ASN B 342 19.53 4.15 -29.78
C ASN B 342 18.88 3.40 -28.61
N ILE B 343 19.41 2.18 -28.33
CA ILE B 343 18.91 1.34 -27.26
C ILE B 343 19.91 1.25 -26.09
N THR B 344 19.44 1.59 -24.88
CA THR B 344 20.25 1.52 -23.68
C THR B 344 19.99 0.20 -22.91
N CYS B 345 21.11 -0.54 -22.62
CA CYS B 345 21.05 -1.86 -21.95
C CYS B 345 21.93 -2.02 -20.71
N ASP B 346 21.44 -2.80 -19.74
CA ASP B 346 22.27 -3.19 -18.59
C ASP B 346 22.97 -4.47 -19.01
N ASN B 347 23.71 -5.08 -18.11
CA ASN B 347 24.54 -6.28 -18.37
C ASN B 347 23.88 -7.48 -18.98
N TRP B 348 22.59 -7.66 -18.75
CA TRP B 348 21.93 -8.81 -19.31
C TRP B 348 21.77 -8.76 -20.82
N PHE B 349 21.74 -7.53 -21.36
CA PHE B 349 21.53 -7.34 -22.81
C PHE B 349 22.66 -6.60 -23.59
N THR B 350 23.95 -6.81 -23.22
CA THR B 350 25.03 -6.03 -23.91
C THR B 350 26.13 -6.80 -24.63
N SER B 351 25.91 -8.03 -24.98
CA SER B 351 26.99 -8.75 -25.66
C SER B 351 27.55 -7.94 -26.83
N ILE B 352 28.88 -7.94 -26.98
CA ILE B 352 29.48 -7.17 -28.05
C ILE B 352 28.98 -7.54 -29.43
N PRO B 353 28.90 -8.80 -29.80
CA PRO B 353 28.38 -9.10 -31.12
C PRO B 353 26.94 -8.55 -31.29
N LEU B 354 26.16 -8.20 -30.22
CA LEU B 354 24.85 -7.56 -30.40
C LEU B 354 25.09 -6.15 -30.86
N ALA B 355 26.06 -5.51 -30.21
CA ALA B 355 26.40 -4.14 -30.56
C ALA B 355 26.90 -4.04 -32.00
N LYS B 356 27.62 -5.05 -32.47
CA LYS B 356 28.12 -5.03 -33.85
C LYS B 356 27.10 -5.52 -34.89
N ASN B 357 26.25 -6.45 -34.50
CA ASN B 357 25.32 -7.05 -35.46
C ASN B 357 23.98 -6.35 -35.60
N LEU B 358 23.84 -5.19 -34.98
CA LEU B 358 22.65 -4.40 -35.11
C LEU B 358 22.94 -3.24 -36.01
N LEU B 359 24.11 -3.23 -36.64
CA LEU B 359 24.46 -2.17 -37.58
C LEU B 359 24.72 -2.83 -38.93
N GLN B 360 23.66 -3.39 -39.51
CA GLN B 360 23.73 -4.08 -40.78
C GLN B 360 22.62 -3.61 -41.70
N GLU B 361 22.50 -4.17 -42.90
CA GLU B 361 21.39 -3.72 -43.75
C GLU B 361 20.06 -3.86 -42.95
N PRO B 362 19.63 -5.10 -42.58
CA PRO B 362 18.60 -5.27 -41.58
C PRO B 362 19.11 -4.74 -40.23
N TYR B 363 18.24 -4.26 -39.35
CA TYR B 363 18.67 -3.77 -38.07
C TYR B 363 19.61 -2.56 -38.08
N LYS B 364 19.09 -1.37 -37.82
CA LYS B 364 20.01 -0.24 -37.70
C LYS B 364 19.72 0.44 -36.40
N LEU B 365 20.33 -0.09 -35.35
CA LEU B 365 20.10 0.34 -33.98
C LEU B 365 21.41 0.36 -33.24
N THR B 366 21.63 1.35 -32.41
CA THR B 366 22.85 1.33 -31.65
C THR B 366 22.65 0.84 -30.23
N ILE B 367 23.74 0.41 -29.65
CA ILE B 367 23.77 -0.09 -28.28
C ILE B 367 24.67 0.75 -27.42
N VAL B 368 24.11 1.14 -26.27
CA VAL B 368 24.86 1.84 -25.21
C VAL B 368 24.61 1.04 -23.95
N GLY B 369 25.64 0.64 -23.23
CA GLY B 369 25.34 -0.13 -22.05
C GLY B 369 26.55 -0.60 -21.24
N THR B 370 26.28 -1.33 -20.17
CA THR B 370 27.36 -1.83 -19.33
C THR B 370 27.92 -3.13 -19.84
N VAL B 371 29.11 -3.47 -19.40
CA VAL B 371 29.73 -4.72 -19.77
C VAL B 371 30.17 -5.44 -18.51
N ARG B 372 29.93 -6.74 -18.44
CA ARG B 372 30.36 -7.48 -17.26
C ARG B 372 31.88 -7.48 -17.23
N SER B 373 32.47 -7.42 -16.06
CA SER B 373 33.92 -7.36 -15.90
C SER B 373 34.67 -8.62 -16.33
N ASN B 374 33.96 -9.72 -16.48
CA ASN B 374 34.58 -10.97 -16.86
C ASN B 374 34.58 -11.22 -18.36
N LYS B 375 34.21 -10.23 -19.16
CA LYS B 375 34.28 -10.45 -20.60
C LYS B 375 35.73 -10.32 -21.02
N ARG B 376 36.17 -11.25 -21.88
CA ARG B 376 37.54 -11.32 -22.37
C ARG B 376 37.89 -10.20 -23.34
N GLU B 377 36.88 -9.57 -23.89
CA GLU B 377 37.05 -8.52 -24.88
C GLU B 377 37.55 -7.21 -24.28
N ILE B 378 37.41 -7.02 -22.95
CA ILE B 378 37.92 -5.80 -22.35
C ILE B 378 39.44 -5.91 -22.22
N PRO B 379 40.22 -4.98 -22.76
CA PRO B 379 41.68 -5.03 -22.70
C PRO B 379 42.10 -4.96 -21.21
N GLU B 380 43.20 -5.64 -20.84
CA GLU B 380 43.64 -5.69 -19.44
C GLU B 380 44.06 -4.32 -18.94
N VAL B 381 44.32 -3.42 -19.87
CA VAL B 381 44.73 -2.06 -19.58
C VAL B 381 43.62 -1.34 -18.83
N LEU B 382 42.39 -1.59 -19.22
CA LEU B 382 41.21 -0.95 -18.67
C LEU B 382 40.78 -1.57 -17.35
N LYS B 383 41.51 -2.59 -16.94
CA LYS B 383 41.25 -3.28 -15.68
C LYS B 383 42.33 -2.94 -14.65
N ASN B 384 43.27 -2.05 -14.96
CA ASN B 384 44.30 -1.88 -13.96
C ASN B 384 43.96 -0.83 -12.95
N SER B 385 43.18 -1.30 -11.98
CA SER B 385 42.69 -0.52 -10.85
C SER B 385 43.82 -0.03 -9.96
N ARG B 386 45.01 -0.61 -10.11
CA ARG B 386 46.13 -0.21 -9.29
C ARG B 386 46.84 1.04 -9.78
N SER B 387 46.72 1.36 -11.05
CA SER B 387 47.42 2.53 -11.52
C SER B 387 46.52 3.72 -11.74
N ARG B 388 45.22 3.49 -11.88
CA ARG B 388 44.38 4.61 -12.14
C ARG B 388 43.90 5.36 -10.87
N PRO B 389 44.03 6.70 -10.89
CA PRO B 389 43.47 7.62 -9.87
C PRO B 389 41.98 7.54 -9.84
N VAL B 390 41.41 7.85 -8.70
CA VAL B 390 40.00 7.86 -8.57
C VAL B 390 39.44 9.07 -9.33
N GLY B 391 38.43 8.86 -10.15
CA GLY B 391 37.80 9.91 -10.92
C GLY B 391 38.29 9.90 -12.39
N THR B 392 39.30 9.11 -12.70
CA THR B 392 39.82 9.06 -14.06
C THR B 392 39.20 7.97 -14.91
N SER B 393 39.49 8.03 -16.22
CA SER B 393 38.97 7.05 -17.16
C SER B 393 39.90 6.77 -18.31
N MET B 394 39.70 5.62 -18.95
CA MET B 394 40.47 5.16 -20.08
C MET B 394 39.57 4.86 -21.24
N PHE B 395 39.99 5.24 -22.44
CA PHE B 395 39.22 4.91 -23.63
C PHE B 395 40.03 4.08 -24.61
N CYS B 396 39.35 3.23 -25.33
CA CYS B 396 39.93 2.41 -26.37
C CYS B 396 38.85 2.04 -27.35
N PHE B 397 39.19 1.47 -28.49
CA PHE B 397 38.14 1.12 -29.43
C PHE B 397 38.43 -0.15 -30.21
N ASP B 398 37.40 -0.72 -30.77
CA ASP B 398 37.42 -1.91 -31.61
C ASP B 398 36.53 -1.68 -32.84
N GLY B 399 37.17 -1.38 -33.95
CA GLY B 399 36.38 -1.08 -35.11
C GLY B 399 35.50 0.15 -34.75
N PRO B 400 34.23 0.05 -35.02
CA PRO B 400 33.21 1.13 -34.77
C PRO B 400 32.88 1.39 -33.29
N LEU B 401 33.17 0.46 -32.38
CA LEU B 401 32.74 0.67 -31.00
C LEU B 401 33.76 1.29 -30.05
N THR B 402 33.23 2.07 -29.10
CA THR B 402 34.05 2.74 -28.10
C THR B 402 33.81 2.11 -26.74
N LEU B 403 34.89 1.76 -26.06
CA LEU B 403 34.80 1.20 -24.73
C LEU B 403 35.48 2.13 -23.73
N VAL B 404 34.80 2.43 -22.63
CA VAL B 404 35.40 3.27 -21.60
C VAL B 404 35.39 2.60 -20.25
N SER B 405 36.52 2.72 -19.57
CA SER B 405 36.68 2.20 -18.22
C SER B 405 36.80 3.35 -17.24
N TYR B 406 35.84 3.48 -16.36
CA TYR B 406 35.83 4.56 -15.39
C TYR B 406 36.10 4.08 -13.99
N LYS B 407 36.98 4.76 -13.27
CA LYS B 407 37.24 4.35 -11.90
C LYS B 407 36.74 5.33 -10.86
N PRO B 408 35.56 4.98 -10.23
CA PRO B 408 34.96 5.64 -9.07
C PRO B 408 35.84 5.35 -7.89
N LYS B 409 35.28 5.38 -6.69
CA LYS B 409 36.06 5.09 -5.49
C LYS B 409 36.87 3.78 -5.61
N PRO B 410 37.93 3.57 -4.81
CA PRO B 410 38.81 2.45 -4.98
C PRO B 410 38.15 1.11 -4.83
N ALA B 411 38.72 0.17 -5.60
CA ALA B 411 38.29 -1.22 -5.71
C ALA B 411 37.06 -1.39 -6.59
N LYS B 412 36.62 -0.33 -7.29
CA LYS B 412 35.50 -0.48 -8.20
C LYS B 412 35.87 0.11 -9.55
N MET B 413 35.35 -0.51 -10.62
CA MET B 413 35.53 0.00 -11.97
C MET B 413 34.23 -0.17 -12.75
N VAL B 414 33.98 0.71 -13.70
CA VAL B 414 32.76 0.72 -14.51
C VAL B 414 33.06 0.53 -15.96
N TYR B 415 32.44 -0.44 -16.61
CA TYR B 415 32.73 -0.67 -18.01
C TYR B 415 31.54 -0.36 -18.89
N LEU B 416 31.67 0.68 -19.72
CA LEU B 416 30.60 1.03 -20.64
C LEU B 416 31.04 0.93 -22.08
N LEU B 417 30.15 0.35 -22.87
CA LEU B 417 30.40 0.16 -24.30
C LEU B 417 29.37 0.89 -25.15
N SER B 418 29.82 1.47 -26.25
CA SER B 418 28.83 2.13 -27.11
C SER B 418 29.19 2.25 -28.58
N SER B 419 28.13 2.32 -29.35
CA SER B 419 28.20 2.59 -30.78
C SER B 419 27.80 4.04 -30.82
N CYS B 420 28.75 4.91 -31.14
CA CYS B 420 28.54 6.33 -31.11
C CYS B 420 29.48 7.08 -32.01
N ASP B 421 29.31 8.39 -32.07
CA ASP B 421 30.22 9.24 -32.83
C ASP B 421 31.59 9.09 -32.19
N GLU B 422 32.64 9.23 -32.97
CA GLU B 422 34.01 9.04 -32.52
C GLU B 422 34.49 9.96 -31.39
N ASP B 423 34.05 11.20 -31.36
CA ASP B 423 34.48 12.12 -30.33
C ASP B 423 34.20 11.65 -28.91
N ALA B 424 35.21 11.72 -28.06
CA ALA B 424 35.07 11.36 -26.65
C ALA B 424 35.18 12.63 -25.83
N SER B 425 34.46 12.68 -24.72
CA SER B 425 34.54 13.84 -23.85
C SER B 425 34.25 13.49 -22.40
N ILE B 426 34.67 14.43 -21.54
CA ILE B 426 34.45 14.36 -20.08
C ILE B 426 33.69 15.58 -19.62
N ASN B 427 32.69 15.37 -18.79
CA ASN B 427 31.93 16.50 -18.30
C ASN B 427 32.69 17.00 -17.08
N GLU B 428 33.37 18.11 -17.27
CA GLU B 428 34.24 18.69 -16.25
C GLU B 428 33.52 19.10 -14.96
N SER B 429 32.20 19.29 -15.00
CA SER B 429 31.50 19.68 -13.80
C SER B 429 31.39 18.52 -12.80
N THR B 430 31.55 17.26 -13.25
CA THR B 430 31.50 16.14 -12.32
C THR B 430 32.79 15.33 -12.40
N GLY B 431 33.45 15.46 -13.56
CA GLY B 431 34.69 14.75 -13.85
C GLY B 431 34.42 13.40 -14.50
N LYS B 432 33.16 13.02 -14.60
CA LYS B 432 32.80 11.75 -15.21
C LYS B 432 32.85 11.81 -16.74
N PRO B 433 33.19 10.68 -17.37
CA PRO B 433 33.15 10.52 -18.84
C PRO B 433 31.72 10.74 -19.31
N GLN B 434 31.54 11.28 -20.51
CA GLN B 434 30.20 11.53 -20.99
C GLN B 434 29.37 10.29 -21.16
N MET B 435 29.97 9.15 -21.45
CA MET B 435 29.17 7.95 -21.60
C MET B 435 28.41 7.62 -20.31
N VAL B 436 29.00 7.91 -19.13
CA VAL B 436 28.36 7.65 -17.86
C VAL B 436 27.27 8.66 -17.64
N MET B 437 27.59 9.90 -17.90
CA MET B 437 26.61 10.96 -17.71
C MET B 437 25.37 10.69 -18.54
N TYR B 438 25.60 10.17 -19.75
CA TYR B 438 24.51 9.85 -20.67
C TYR B 438 23.76 8.60 -20.25
N TYR B 439 24.50 7.54 -19.90
CA TYR B 439 23.90 6.25 -19.52
C TYR B 439 22.91 6.40 -18.39
N ASN B 440 23.29 7.17 -17.39
CA ASN B 440 22.46 7.34 -16.23
C ASN B 440 21.14 8.03 -16.53
N GLN B 441 21.02 8.71 -17.65
CA GLN B 441 19.79 9.40 -17.98
C GLN B 441 18.83 8.57 -18.83
N THR B 442 19.25 7.42 -19.37
CA THR B 442 18.36 6.66 -20.23
C THR B 442 18.03 5.28 -19.63
N LYS B 443 18.87 4.81 -18.71
CA LYS B 443 18.70 3.48 -18.13
C LYS B 443 17.44 3.28 -17.31
N GLY B 444 16.83 4.37 -16.89
CA GLY B 444 15.68 4.31 -16.01
C GLY B 444 14.32 4.15 -16.70
N GLY B 445 14.25 4.06 -18.02
CA GLY B 445 12.97 3.93 -18.72
C GLY B 445 12.05 2.81 -18.18
N VAL B 446 12.56 1.58 -18.22
CA VAL B 446 11.74 0.45 -17.80
C VAL B 446 11.49 0.43 -16.31
N ASP B 447 12.52 0.73 -15.52
CA ASP B 447 12.33 0.75 -14.12
C ASP B 447 11.37 1.82 -13.64
N THR B 448 11.43 2.97 -14.26
CA THR B 448 10.49 4.00 -13.86
C THR B 448 9.08 3.50 -14.10
N LEU B 449 8.84 2.81 -15.23
CA LEU B 449 7.52 2.26 -15.47
C LEU B 449 7.16 1.29 -14.37
N ASP B 450 8.12 0.49 -13.93
CA ASP B 450 7.84 -0.45 -12.85
C ASP B 450 7.51 0.26 -11.54
N GLN B 451 8.20 1.32 -11.15
CA GLN B 451 7.82 1.90 -9.89
C GLN B 451 6.48 2.61 -10.00
N MET B 452 6.11 3.08 -11.20
CA MET B 452 4.80 3.70 -11.31
C MET B 452 3.73 2.66 -11.09
N CYS B 453 4.00 1.43 -11.57
CA CYS B 453 3.08 0.34 -11.42
C CYS B 453 2.97 -0.08 -9.96
N SER B 454 4.08 -0.06 -9.22
CA SER B 454 4.01 -0.45 -7.82
C SER B 454 3.26 0.56 -6.96
N VAL B 455 3.30 1.84 -7.33
CA VAL B 455 2.55 2.79 -6.53
C VAL B 455 1.06 2.50 -6.70
N MET B 456 0.64 2.26 -7.93
CA MET B 456 -0.77 1.96 -8.20
C MET B 456 -0.90 0.67 -8.98
N THR B 457 -1.30 -0.39 -8.29
CA THR B 457 -1.43 -1.71 -8.91
C THR B 457 -2.74 -2.33 -8.58
N CYS B 458 -3.21 -3.19 -9.48
CA CYS B 458 -4.47 -3.91 -9.33
C CYS B 458 -4.28 -5.31 -8.80
N SER B 459 -3.05 -5.74 -8.59
CA SER B 459 -2.82 -7.12 -8.20
C SER B 459 -3.52 -7.55 -6.94
N ARG B 460 -4.06 -8.76 -6.97
CA ARG B 460 -4.80 -9.36 -5.86
C ARG B 460 -4.24 -10.75 -5.65
N LYS B 461 -4.44 -11.31 -4.48
CA LYS B 461 -4.01 -12.69 -4.31
C LYS B 461 -4.92 -13.53 -5.17
N THR B 462 -4.35 -14.46 -5.90
CA THR B 462 -5.13 -15.35 -6.74
C THR B 462 -4.54 -16.73 -6.72
N ASN B 463 -5.31 -17.71 -7.15
CA ASN B 463 -4.81 -19.08 -7.16
C ASN B 463 -4.49 -19.58 -8.55
N ARG B 464 -4.51 -18.72 -9.55
CA ARG B 464 -4.19 -19.17 -10.90
C ARG B 464 -3.28 -18.22 -11.63
N TRP B 465 -2.17 -18.75 -12.15
CA TRP B 465 -1.26 -17.80 -12.77
C TRP B 465 -1.86 -16.99 -13.87
N PRO B 466 -2.79 -17.50 -14.69
CA PRO B 466 -3.32 -16.72 -15.82
C PRO B 466 -4.11 -15.48 -15.31
N MET B 467 -4.52 -15.48 -14.03
CA MET B 467 -5.21 -14.33 -13.54
C MET B 467 -4.22 -13.25 -13.18
N ALA B 468 -3.06 -13.66 -12.71
CA ALA B 468 -2.01 -12.72 -12.35
C ALA B 468 -1.63 -11.87 -13.55
N LEU B 469 -1.67 -12.48 -14.71
CA LEU B 469 -1.32 -11.79 -15.95
C LEU B 469 -2.38 -10.78 -16.34
N LEU B 470 -3.65 -11.00 -15.99
CA LEU B 470 -4.63 -9.99 -16.36
C LEU B 470 -4.34 -8.75 -15.59
N TYR B 471 -4.02 -8.89 -14.31
CA TYR B 471 -3.75 -7.73 -13.51
C TYR B 471 -2.56 -6.97 -14.08
N GLY B 472 -1.54 -7.69 -14.54
CA GLY B 472 -0.38 -7.04 -15.15
C GLY B 472 -0.74 -6.21 -16.38
N MET B 473 -1.64 -6.73 -17.20
CA MET B 473 -2.03 -6.03 -18.43
C MET B 473 -2.87 -4.80 -18.10
N ILE B 474 -3.64 -4.85 -17.01
CA ILE B 474 -4.44 -3.69 -16.66
C ILE B 474 -3.51 -2.58 -16.19
N ASN B 475 -2.53 -2.91 -15.37
CA ASN B 475 -1.59 -1.89 -14.87
C ASN B 475 -0.87 -1.19 -16.01
N ILE B 476 -0.51 -1.93 -17.05
CA ILE B 476 0.17 -1.30 -18.16
C ILE B 476 -0.80 -0.47 -18.99
N ALA B 477 -1.99 -0.99 -19.29
CA ALA B 477 -2.90 -0.23 -20.11
C ALA B 477 -3.25 1.11 -19.48
N CYS B 478 -3.32 1.16 -18.15
CA CYS B 478 -3.67 2.40 -17.47
C CYS B 478 -2.55 3.43 -17.48
N ILE B 479 -1.35 3.01 -17.85
CA ILE B 479 -0.24 3.98 -17.95
C ILE B 479 -0.08 4.42 -19.39
N ASN B 480 -0.13 3.47 -20.33
CA ASN B 480 0.07 3.85 -21.71
C ASN B 480 -1.04 4.76 -22.19
N SER B 481 -2.24 4.58 -21.64
CA SER B 481 -3.40 5.42 -22.01
C SER B 481 -3.24 6.83 -21.47
N PHE B 482 -2.48 6.99 -20.38
CA PHE B 482 -2.25 8.30 -19.78
C PHE B 482 -1.29 9.10 -20.69
N ILE B 483 -0.29 8.39 -21.22
CA ILE B 483 0.67 9.03 -22.09
C ILE B 483 0.00 9.51 -23.36
N ILE B 484 -0.87 8.70 -23.96
CA ILE B 484 -1.53 9.16 -25.17
C ILE B 484 -2.39 10.37 -24.83
N TYR B 485 -3.09 10.29 -23.71
CA TYR B 485 -3.93 11.37 -23.30
C TYR B 485 -3.18 12.70 -23.08
N SER B 486 -2.08 12.69 -22.37
CA SER B 486 -1.36 13.92 -22.11
C SER B 486 -0.80 14.55 -23.38
N HIS B 487 -0.49 13.75 -24.38
CA HIS B 487 -0.02 14.36 -25.60
C HIS B 487 -1.13 15.01 -26.34
N ASN B 488 -2.29 14.38 -26.37
CA ASN B 488 -3.39 14.98 -27.11
C ASN B 488 -3.94 16.24 -26.46
N VAL B 489 -3.90 16.32 -25.14
CA VAL B 489 -4.39 17.48 -24.44
C VAL B 489 -3.38 18.62 -24.40
N SER B 490 -2.13 18.33 -24.08
CA SER B 490 -1.16 19.40 -24.01
C SER B 490 -0.83 20.02 -25.37
N SER B 491 -1.02 19.26 -26.46
CA SER B 491 -0.73 19.77 -27.78
C SER B 491 -1.72 20.82 -28.21
N LYS B 492 -2.84 20.94 -27.51
CA LYS B 492 -3.85 21.92 -27.84
C LYS B 492 -3.77 23.10 -26.89
N GLY B 493 -2.78 23.09 -26.00
CA GLY B 493 -2.60 24.15 -25.03
C GLY B 493 -3.53 24.00 -23.82
N GLU B 494 -4.04 22.80 -23.57
CA GLU B 494 -4.93 22.57 -22.44
C GLU B 494 -4.14 21.99 -21.28
N LYS B 495 -4.63 22.17 -20.07
CA LYS B 495 -3.95 21.62 -18.92
C LYS B 495 -4.14 20.12 -18.81
N VAL B 496 -3.06 19.43 -18.46
CA VAL B 496 -3.09 18.00 -18.27
C VAL B 496 -3.26 17.66 -16.81
N GLN B 497 -4.19 16.76 -16.55
CA GLN B 497 -4.50 16.29 -15.22
C GLN B 497 -3.51 15.23 -14.76
N SER B 498 -3.36 15.10 -13.45
CA SER B 498 -2.50 14.09 -12.86
C SER B 498 -3.12 12.69 -12.96
N ARG B 499 -2.30 11.66 -12.72
CA ARG B 499 -2.79 10.28 -12.84
C ARG B 499 -3.96 9.97 -11.95
N LYS B 500 -3.99 10.57 -10.77
CA LYS B 500 -5.08 10.31 -9.87
C LYS B 500 -6.41 10.74 -10.46
N LYS B 501 -6.45 11.85 -11.19
CA LYS B 501 -7.74 12.27 -11.72
C LYS B 501 -8.12 11.45 -12.93
N PHE B 502 -7.12 11.07 -13.70
CA PHE B 502 -7.33 10.25 -14.86
C PHE B 502 -8.00 8.94 -14.46
N MET B 503 -7.48 8.30 -13.42
CA MET B 503 -8.05 7.03 -12.99
C MET B 503 -9.40 7.19 -12.29
N ARG B 504 -9.67 8.32 -11.64
CA ARG B 504 -11.01 8.49 -11.07
C ARG B 504 -12.01 8.56 -12.23
N ASN B 505 -11.62 9.17 -13.32
CA ASN B 505 -12.52 9.25 -14.47
C ASN B 505 -12.71 7.90 -15.13
N LEU B 506 -11.68 7.03 -15.14
CA LEU B 506 -11.93 5.72 -15.71
C LEU B 506 -13.00 5.01 -14.86
N TYR B 507 -12.89 5.10 -13.57
CA TYR B 507 -13.85 4.42 -12.73
C TYR B 507 -15.25 4.79 -13.15
N MET B 508 -15.54 6.07 -13.28
CA MET B 508 -16.92 6.38 -13.65
C MET B 508 -17.28 5.99 -15.08
N SER B 509 -16.34 6.07 -16.01
CA SER B 509 -16.66 5.72 -17.38
C SER B 509 -16.79 4.21 -17.60
N LEU B 510 -16.10 3.41 -16.80
CA LEU B 510 -16.20 1.96 -16.91
C LEU B 510 -17.40 1.38 -16.16
N THR B 511 -17.82 1.99 -15.05
CA THR B 511 -18.92 1.43 -14.26
C THR B 511 -20.29 2.07 -14.41
N SER B 512 -20.41 3.26 -14.94
CA SER B 512 -21.74 3.90 -15.01
C SER B 512 -22.83 3.12 -15.76
N SER B 513 -22.50 2.46 -16.86
CA SER B 513 -23.54 1.76 -17.60
C SER B 513 -24.15 0.64 -16.78
N PHE B 514 -23.29 -0.08 -16.09
CA PHE B 514 -23.68 -1.19 -15.27
C PHE B 514 -24.46 -0.72 -14.05
N MET B 515 -23.97 0.30 -13.38
CA MET B 515 -24.68 0.82 -12.23
C MET B 515 -26.07 1.27 -12.59
N ARG B 516 -26.22 1.90 -13.75
CA ARG B 516 -27.53 2.36 -14.14
C ARG B 516 -28.49 1.18 -14.34
N LYS B 517 -28.02 0.10 -14.97
CA LYS B 517 -28.87 -1.06 -15.20
C LYS B 517 -29.23 -1.80 -13.90
N ARG B 518 -28.42 -1.70 -12.86
CA ARG B 518 -28.77 -2.38 -11.63
C ARG B 518 -30.05 -1.81 -11.04
N LEU B 519 -30.36 -0.56 -11.36
CA LEU B 519 -31.56 0.11 -10.82
C LEU B 519 -32.85 -0.46 -11.34
N GLU B 520 -32.79 -1.28 -12.38
CA GLU B 520 -33.98 -1.89 -12.91
C GLU B 520 -34.57 -2.93 -11.97
N ALA B 521 -33.74 -3.57 -11.14
CA ALA B 521 -34.31 -4.52 -10.19
C ALA B 521 -35.22 -3.82 -9.17
N PRO B 522 -36.47 -4.35 -9.02
CA PRO B 522 -37.47 -3.85 -8.08
C PRO B 522 -37.07 -4.00 -6.63
N THR B 523 -36.09 -4.87 -6.44
CA THR B 523 -35.66 -5.24 -5.12
C THR B 523 -34.32 -4.67 -4.68
N LEU B 524 -33.69 -3.76 -5.40
CA LEU B 524 -32.44 -3.32 -4.79
C LEU B 524 -32.75 -2.64 -3.48
N LYS B 525 -31.92 -2.93 -2.50
CA LYS B 525 -32.02 -2.33 -1.20
C LYS B 525 -31.73 -0.85 -1.36
N ARG B 526 -32.37 -0.03 -0.56
CA ARG B 526 -32.24 1.42 -0.65
C ARG B 526 -30.82 1.91 -0.45
N TYR B 527 -29.98 1.18 0.23
CA TYR B 527 -28.61 1.67 0.40
C TYR B 527 -27.97 1.90 -0.92
N LEU B 528 -28.21 0.95 -1.79
CA LEU B 528 -27.68 0.93 -3.13
C LEU B 528 -28.44 1.80 -4.05
N ARG B 529 -29.74 1.82 -3.93
CA ARG B 529 -30.48 2.61 -4.85
C ARG B 529 -30.10 4.07 -4.70
N ASP B 530 -29.92 4.53 -3.46
CA ASP B 530 -29.59 5.93 -3.28
C ASP B 530 -28.17 6.26 -3.67
N ASN B 531 -27.19 5.39 -3.39
CA ASN B 531 -25.85 5.73 -3.78
C ASN B 531 -25.64 5.65 -5.26
N ILE B 532 -26.37 4.76 -5.94
CA ILE B 532 -26.20 4.71 -7.38
C ILE B 532 -26.81 5.95 -7.96
N SER B 533 -27.99 6.33 -7.51
CA SER B 533 -28.59 7.50 -8.07
C SER B 533 -27.73 8.74 -7.89
N ASN B 534 -27.08 8.86 -6.75
CA ASN B 534 -26.25 10.06 -6.50
C ASN B 534 -24.88 10.06 -7.15
N ILE B 535 -24.23 8.91 -7.27
CA ILE B 535 -22.89 8.86 -7.87
C ILE B 535 -22.94 8.87 -9.39
N LEU B 536 -23.89 8.17 -9.93
CA LEU B 536 -24.15 8.11 -11.37
C LEU B 536 -24.35 9.47 -11.91
N PRO B 537 -23.78 9.80 -13.06
CA PRO B 537 -23.88 11.21 -13.37
C PRO B 537 -25.36 11.60 -13.50
N ASN B 538 -25.70 12.74 -12.91
CA ASN B 538 -27.07 13.15 -12.84
C ASN B 538 -27.58 13.88 -14.07
N GLU B 539 -27.78 13.12 -15.13
CA GLU B 539 -28.33 13.76 -16.30
C GLU B 539 -29.79 13.98 -15.96
N VAL B 540 -30.28 15.19 -16.18
CA VAL B 540 -31.68 15.48 -15.86
C VAL B 540 -32.47 15.89 -17.12
N PRO B 541 -33.49 15.09 -17.48
CA PRO B 541 -34.28 15.37 -18.63
C PRO B 541 -34.92 16.75 -18.44
N GLY B 542 -34.99 17.52 -19.48
CA GLY B 542 -35.59 18.84 -19.39
C GLY B 542 -34.56 19.98 -19.33
N THR B 543 -33.33 19.66 -18.95
CA THR B 543 -32.31 20.70 -18.82
C THR B 543 -31.74 21.14 -20.15
N SER B 544 -32.62 21.65 -20.97
CA SER B 544 -32.30 22.20 -22.27
C SER B 544 -32.74 23.65 -22.15
N ASP B 545 -33.54 23.85 -21.10
CA ASP B 545 -34.13 25.14 -20.71
C ASP B 545 -34.85 25.86 -21.84
N ASP B 546 -35.63 25.12 -22.63
CA ASP B 546 -36.39 25.70 -23.73
C ASP B 546 -37.76 25.02 -23.77
N SER B 547 -38.75 25.70 -23.19
CA SER B 547 -40.10 25.17 -23.03
C SER B 547 -41.00 25.32 -24.25
N THR B 548 -42.08 24.55 -24.25
CA THR B 548 -43.11 24.62 -25.29
C THR B 548 -44.16 25.63 -24.86
N GLU B 549 -44.54 26.51 -25.77
CA GLU B 549 -45.57 27.48 -25.44
C GLU B 549 -46.95 26.86 -25.41
N GLU B 550 -47.68 27.16 -24.36
CA GLU B 550 -49.05 26.72 -24.17
C GLU B 550 -49.77 27.93 -23.61
N PRO B 551 -51.09 28.12 -23.84
CA PRO B 551 -51.78 29.30 -23.31
C PRO B 551 -51.72 29.41 -21.77
N VAL B 552 -51.50 30.65 -21.33
CA VAL B 552 -51.42 31.00 -19.90
C VAL B 552 -52.26 32.26 -19.66
N THR B 553 -52.59 32.54 -18.41
CA THR B 553 -53.32 33.77 -18.09
C THR B 553 -52.40 34.98 -18.08
N LYS B 554 -52.81 36.03 -18.82
CA LYS B 554 -52.06 37.28 -18.92
C LYS B 554 -52.83 38.47 -18.37
N LYS B 555 -53.97 38.19 -17.72
CA LYS B 555 -54.83 39.21 -17.12
C LYS B 555 -54.89 39.06 -15.61
N ARG B 556 -55.39 40.03 -14.90
CA ARG B 556 -55.46 39.83 -13.47
C ARG B 556 -56.69 38.95 -13.13
N THR B 557 -56.49 37.84 -12.38
CA THR B 557 -57.57 36.86 -12.03
C THR B 557 -57.59 36.39 -10.54
N TYR B 558 -58.62 35.60 -10.16
CA TYR B 558 -58.76 35.09 -8.79
C TYR B 558 -58.65 33.55 -8.61
N CYS B 559 -58.20 33.17 -7.43
CA CYS B 559 -58.04 31.81 -6.99
C CYS B 559 -59.35 31.05 -7.13
N THR B 560 -59.30 29.91 -7.81
CA THR B 560 -60.52 29.15 -8.06
C THR B 560 -60.89 28.28 -6.88
N TYR B 561 -59.99 28.22 -5.90
CA TYR B 561 -60.20 27.45 -4.70
C TYR B 561 -60.57 28.37 -3.56
N CYS B 562 -60.66 29.64 -3.89
CA CYS B 562 -61.07 30.64 -2.90
C CYS B 562 -62.51 31.02 -3.13
N PRO B 563 -63.20 31.32 -2.08
CA PRO B 563 -64.54 31.82 -2.15
C PRO B 563 -64.59 33.22 -2.80
N SER B 564 -65.74 33.62 -3.32
CA SER B 564 -65.96 34.92 -3.97
C SER B 564 -65.93 36.08 -2.99
N LYS B 565 -66.02 35.73 -1.72
CA LYS B 565 -65.99 36.62 -0.59
C LYS B 565 -64.57 37.10 -0.33
N ILE B 566 -63.60 36.33 -0.80
CA ILE B 566 -62.20 36.68 -0.59
C ILE B 566 -61.62 37.39 -1.80
N ARG B 567 -61.87 36.86 -3.01
CA ARG B 567 -61.33 37.46 -4.22
C ARG B 567 -59.84 37.59 -4.11
N ARG B 568 -59.21 36.54 -3.67
CA ARG B 568 -57.77 36.51 -3.54
C ARG B 568 -57.11 36.54 -4.88
N LYS B 569 -56.21 37.48 -5.06
CA LYS B 569 -55.56 37.55 -6.34
C LYS B 569 -54.74 36.28 -6.53
N ALA B 570 -54.88 35.66 -7.70
CA ALA B 570 -54.07 34.50 -7.97
C ALA B 570 -52.63 34.93 -8.17
N ASN B 571 -51.71 34.17 -7.61
CA ASN B 571 -50.29 34.48 -7.73
C ASN B 571 -49.50 33.29 -8.22
N ALA B 572 -50.21 32.32 -8.77
CA ALA B 572 -49.58 31.14 -9.24
C ALA B 572 -50.43 30.48 -10.31
N SER B 573 -49.77 29.60 -11.06
CA SER B 573 -50.39 28.82 -12.10
C SER B 573 -49.89 27.40 -11.94
N CYS B 574 -50.81 26.46 -11.78
CA CYS B 574 -50.44 25.07 -11.51
C CYS B 574 -49.43 24.51 -12.51
N LYS B 575 -48.37 23.96 -11.96
CA LYS B 575 -47.28 23.38 -12.72
C LYS B 575 -47.74 22.35 -13.74
N LYS B 576 -48.67 21.48 -13.37
CA LYS B 576 -49.12 20.46 -14.31
C LYS B 576 -50.52 20.71 -14.85
N CYS B 577 -51.15 21.85 -14.61
CA CYS B 577 -52.48 21.96 -15.19
C CYS B 577 -52.91 23.40 -15.49
N LYS B 578 -52.06 24.36 -15.21
CA LYS B 578 -52.33 25.76 -15.49
C LYS B 578 -53.65 26.30 -14.96
N LYS B 579 -53.98 25.92 -13.74
CA LYS B 579 -55.16 26.39 -13.07
C LYS B 579 -54.81 27.66 -12.34
N VAL B 580 -55.78 28.57 -12.19
CA VAL B 580 -55.60 29.82 -11.46
C VAL B 580 -55.66 29.58 -9.96
N ILE B 581 -54.53 29.86 -9.27
CA ILE B 581 -54.49 29.51 -7.86
C ILE B 581 -53.86 30.57 -6.91
N CYS B 582 -54.20 30.45 -5.63
CA CYS B 582 -53.60 31.25 -4.57
C CYS B 582 -52.65 30.32 -3.85
N ARG B 583 -51.52 30.83 -3.42
CA ARG B 583 -50.53 29.95 -2.74
C ARG B 583 -51.10 29.28 -1.50
N GLU B 584 -52.06 29.87 -0.85
CA GLU B 584 -52.62 29.23 0.33
C GLU B 584 -53.28 27.89 0.00
N HIS B 585 -53.93 27.80 -1.13
CA HIS B 585 -54.69 26.59 -1.51
C HIS B 585 -53.89 25.60 -2.33
N ASN B 586 -53.27 26.16 -3.36
CA ASN B 586 -52.44 25.43 -4.32
C ASN B 586 -51.18 26.27 -4.43
N ILE B 587 -50.18 25.81 -3.78
CA ILE B 587 -48.96 26.53 -3.60
C ILE B 587 -48.13 26.88 -4.84
N ASP B 588 -47.94 25.93 -5.70
CA ASP B 588 -47.18 26.05 -6.93
C ASP B 588 -47.74 24.95 -7.80
N MET B 589 -47.71 23.77 -7.23
CA MET B 589 -48.35 22.66 -7.84
C MET B 589 -49.76 22.74 -7.29
N CYS B 590 -50.75 22.30 -8.04
CA CYS B 590 -52.09 22.27 -7.48
C CYS B 590 -52.26 20.91 -6.80
N GLN B 591 -53.20 20.77 -5.90
CA GLN B 591 -53.30 19.49 -5.18
C GLN B 591 -53.58 18.31 -6.11
N SER B 592 -54.41 18.56 -7.11
CA SER B 592 -54.80 17.52 -8.08
C SER B 592 -53.67 17.20 -9.05
N CYS B 593 -52.64 18.06 -9.04
CA CYS B 593 -51.46 17.91 -9.88
C CYS B 593 -50.27 17.44 -9.08
N PHE B 594 -50.50 16.90 -7.91
CA PHE B 594 -49.38 16.44 -7.12
C PHE B 594 -49.04 14.98 -7.42
CA CA E . 17.51 -11.91 13.65
CA CA F . -1.69 19.28 3.46
ZN ZN G . -33.14 28.43 -3.82
ZN ZN H . -38.26 17.59 -3.36
CA CA I . -15.74 -14.30 0.45
ZN ZN J . -57.29 30.71 -2.76
ZN ZN K . -52.96 21.59 -11.28
CA CA L . 18.41 -4.58 -14.90
#